data_6WH6
#
_entry.id   6WH6
#
_cell.length_a   78.393
_cell.length_b   111.746
_cell.length_c   134.046
_cell.angle_alpha   90.000
_cell.angle_beta   90.000
_cell.angle_gamma   90.000
#
_symmetry.space_group_name_H-M   'P 21 21 21'
#
loop_
_entity.id
_entity.type
_entity.pdbx_description
1 polymer 'Sulfide:quinone oxidoreductase, mitochondrial'
2 non-polymer 'FLAVIN-ADENINE DINUCLEOTIDE'
3 non-polymer 'CYANIDE ION'
4 non-polymer UBIQUINONE-1
5 water water
#
_entity_poly.entity_id   1
_entity_poly.type   'polypeptide(L)'
_entity_poly.pdbx_seq_one_letter_code
;MNHYEVLVLGGGSGGITMAARMKRKVGAENVAIVEPSERHFYQPIWTLVGAGAKQLSSSGRPTASVIPSGVEWIKARVTE
LNPDKNCIHTDDDEKISYRYLIIALGIQLDYEKIKGLPEGFAHPKIGSNYSVKTVEKTWKALQDFKEGNAIFTFPNTPVK
(CSS)AGAPQKIMYLSEAYFRKTGKRSKANIIFNTSLGAIFGVKKYADALQEIIQERNLTVNYKKNLIEVRADKQEAVFE
NLDKPGETQVISYEMLHVTPPMSPPDVLKTSPVADAAGWVDVDKETLQHRRYPNVFGIGDCTNLPTSKTAAAVAAQSGIL
DRTISVIMKNQTPTKKYDGYTSCPLVTGYNRVILAEFDYKAEPLETFPFDQSKERLSMYLMKADLMPFLYWNMMLRGYWG
GPAFLRKLFHLGMSLEHHHHHH
;
_entity_poly.pdbx_strand_id   A,B
#
loop_
_chem_comp.id
_chem_comp.type
_chem_comp.name
_chem_comp.formula
CYN non-polymer 'CYANIDE ION' 'C N -1'
FAD non-polymer 'FLAVIN-ADENINE DINUCLEOTIDE' 'C27 H33 N9 O15 P2'
UQ1 non-polymer UBIQUINONE-1 'C14 H18 O4'
#
# COMPACT_ATOMS: atom_id res chain seq x y z
N MET A 1 -19.66 -0.58 30.10
CA MET A 1 -19.57 -0.84 28.68
C MET A 1 -20.47 -2.01 28.30
N ASN A 2 -21.13 -1.89 27.15
CA ASN A 2 -21.79 -3.04 26.54
C ASN A 2 -20.74 -4.07 26.12
N HIS A 3 -21.05 -5.34 26.34
CA HIS A 3 -20.05 -6.40 26.23
C HIS A 3 -20.62 -7.63 25.53
N TYR A 4 -19.83 -8.25 24.64
CA TYR A 4 -20.25 -9.49 24.00
C TYR A 4 -19.08 -10.46 24.04
N GLU A 5 -19.38 -11.74 24.30
CA GLU A 5 -18.34 -12.74 24.22
C GLU A 5 -17.65 -12.73 22.86
N VAL A 6 -18.42 -12.69 21.77
CA VAL A 6 -17.89 -12.63 20.41
C VAL A 6 -18.47 -11.41 19.71
N LEU A 7 -17.60 -10.50 19.28
CA LEU A 7 -18.00 -9.28 18.59
C LEU A 7 -17.52 -9.33 17.14
N VAL A 8 -18.44 -9.19 16.20
CA VAL A 8 -18.15 -9.27 14.78
C VAL A 8 -18.23 -7.86 14.21
N LEU A 9 -17.14 -7.39 13.60
CA LEU A 9 -17.09 -6.07 12.97
C LEU A 9 -17.41 -6.23 11.48
N GLY A 10 -18.58 -5.76 11.07
CA GLY A 10 -18.97 -5.90 9.68
C GLY A 10 -20.03 -6.98 9.45
N GLY A 11 -21.13 -6.58 8.81
CA GLY A 11 -22.21 -7.50 8.50
C GLY A 11 -22.29 -7.87 7.03
N GLY A 12 -21.14 -8.09 6.41
CA GLY A 12 -21.07 -8.53 5.03
C GLY A 12 -20.95 -10.04 4.94
N SER A 13 -20.33 -10.51 3.85
CA SER A 13 -20.28 -11.96 3.59
C SER A 13 -19.51 -12.67 4.70
N GLY A 14 -18.34 -12.14 5.07
CA GLY A 14 -17.57 -12.75 6.13
C GLY A 14 -18.21 -12.59 7.49
N GLY A 15 -18.72 -11.39 7.80
CA GLY A 15 -19.23 -11.14 9.13
C GLY A 15 -20.51 -11.92 9.44
N ILE A 16 -21.44 -11.99 8.48
CA ILE A 16 -22.66 -12.77 8.73
C ILE A 16 -22.31 -14.25 8.84
N THR A 17 -21.44 -14.73 7.96
CA THR A 17 -21.06 -16.14 7.99
C THR A 17 -20.43 -16.52 9.31
N MET A 18 -19.45 -15.72 9.78
CA MET A 18 -18.79 -16.03 11.05
C MET A 18 -19.76 -15.89 12.22
N ALA A 19 -20.70 -14.95 12.12
CA ALA A 19 -21.68 -14.79 13.18
C ALA A 19 -22.58 -16.02 13.28
N ALA A 20 -22.96 -16.61 12.14
CA ALA A 20 -23.82 -17.79 12.19
C ALA A 20 -23.07 -18.98 12.76
N ARG A 21 -21.80 -19.14 12.40
CA ARG A 21 -21.00 -20.22 12.99
C ARG A 21 -20.78 -20.00 14.49
N MET A 22 -20.50 -18.75 14.90
CA MET A 22 -20.25 -18.45 16.32
C MET A 22 -21.53 -18.58 17.14
N LYS A 23 -22.67 -18.24 16.57
CA LYS A 23 -23.94 -18.47 17.26
C LYS A 23 -24.06 -19.93 17.70
N ARG A 24 -23.72 -20.86 16.82
CA ARG A 24 -23.83 -22.27 17.18
C ARG A 24 -22.85 -22.64 18.27
N LYS A 25 -21.76 -21.88 18.43
CA LYS A 25 -20.71 -22.27 19.36
C LYS A 25 -20.85 -21.66 20.75
N VAL A 26 -21.28 -20.39 20.84
CA VAL A 26 -21.39 -19.71 22.12
C VAL A 26 -22.82 -19.31 22.47
N GLY A 27 -23.79 -19.57 21.59
CA GLY A 27 -25.14 -19.11 21.83
C GLY A 27 -25.38 -17.76 21.20
N ALA A 28 -26.58 -17.54 20.64
CA ALA A 28 -26.82 -16.32 19.87
C ALA A 28 -26.74 -15.06 20.73
N GLU A 29 -27.12 -15.15 22.01
CA GLU A 29 -27.08 -13.95 22.85
C GLU A 29 -25.67 -13.46 23.12
N ASN A 30 -24.65 -14.28 22.84
CA ASN A 30 -23.27 -13.92 23.13
C ASN A 30 -22.53 -13.38 21.93
N VAL A 31 -23.24 -13.14 20.81
CA VAL A 31 -22.68 -12.64 19.55
C VAL A 31 -23.34 -11.29 19.23
N ALA A 32 -22.55 -10.34 18.73
CA ALA A 32 -23.10 -9.11 18.20
C ALA A 32 -22.40 -8.77 16.89
N ILE A 33 -23.16 -8.15 15.98
CA ILE A 33 -22.63 -7.69 14.70
C ILE A 33 -22.74 -6.17 14.63
N VAL A 34 -21.61 -5.51 14.35
CA VAL A 34 -21.61 -4.08 14.10
C VAL A 34 -21.63 -3.83 12.59
N GLU A 35 -22.72 -3.21 12.10
CA GLU A 35 -22.89 -3.02 10.67
C GLU A 35 -23.85 -1.84 10.40
N PRO A 36 -23.42 -0.82 9.65
CA PRO A 36 -24.28 0.34 9.42
C PRO A 36 -25.30 0.13 8.31
N SER A 37 -25.00 -0.70 7.33
CA SER A 37 -25.85 -0.74 6.14
C SER A 37 -27.17 -1.44 6.42
N GLU A 38 -28.26 -0.81 5.98
CA GLU A 38 -29.58 -1.41 6.10
C GLU A 38 -29.72 -2.62 5.19
N ARG A 39 -28.82 -2.77 4.23
CA ARG A 39 -28.95 -3.73 3.15
C ARG A 39 -27.70 -4.58 3.05
N HIS A 40 -27.86 -5.86 2.80
CA HIS A 40 -26.75 -6.81 2.62
C HIS A 40 -26.74 -7.28 1.18
N PHE A 41 -25.60 -7.18 0.51
CA PHE A 41 -25.55 -7.48 -0.91
C PHE A 41 -24.72 -8.72 -1.20
N TYR A 42 -25.25 -9.57 -2.08
CA TYR A 42 -24.47 -10.60 -2.75
C TYR A 42 -23.82 -9.93 -3.96
N GLN A 43 -22.61 -9.43 -3.73
CA GLN A 43 -21.96 -8.59 -4.73
C GLN A 43 -21.58 -9.33 -6.02
N PRO A 44 -21.25 -10.65 -6.01
CA PRO A 44 -20.87 -11.30 -7.28
C PRO A 44 -21.85 -11.13 -8.43
N ILE A 45 -23.15 -11.03 -8.15
CA ILE A 45 -24.11 -10.93 -9.25
C ILE A 45 -24.08 -9.56 -9.92
N TRP A 46 -23.40 -8.58 -9.31
CA TRP A 46 -23.35 -7.28 -9.96
C TRP A 46 -22.73 -7.35 -11.34
N THR A 47 -21.81 -8.30 -11.56
CA THR A 47 -21.24 -8.49 -12.90
C THR A 47 -22.34 -8.70 -13.93
N LEU A 48 -23.32 -9.55 -13.60
CA LEU A 48 -24.41 -9.80 -14.53
C LEU A 48 -25.44 -8.68 -14.53
N VAL A 49 -25.56 -7.94 -13.42
CA VAL A 49 -26.44 -6.78 -13.41
C VAL A 49 -25.91 -5.72 -14.37
N GLY A 50 -24.61 -5.41 -14.28
CA GLY A 50 -24.01 -4.47 -15.21
C GLY A 50 -24.13 -4.89 -16.67
N ALA A 51 -24.23 -6.19 -16.93
CA ALA A 51 -24.35 -6.66 -18.29
C ALA A 51 -25.81 -6.86 -18.73
N GLY A 52 -26.77 -6.49 -17.88
CA GLY A 52 -28.16 -6.53 -18.24
C GLY A 52 -28.82 -7.87 -18.07
N ALA A 53 -28.16 -8.82 -17.42
CA ALA A 53 -28.65 -10.18 -17.39
C ALA A 53 -29.34 -10.53 -16.09
N LYS A 54 -29.16 -9.72 -15.04
CA LYS A 54 -29.79 -9.96 -13.76
C LYS A 54 -30.25 -8.63 -13.19
N GLN A 55 -31.24 -8.71 -12.30
CA GLN A 55 -31.83 -7.53 -11.68
C GLN A 55 -31.02 -7.11 -10.46
N LEU A 56 -30.83 -5.79 -10.31
CA LEU A 56 -30.15 -5.28 -9.12
C LEU A 56 -30.93 -5.57 -7.84
N SER A 57 -32.26 -5.48 -7.90
CA SER A 57 -33.07 -5.63 -6.68
C SER A 57 -32.86 -6.99 -6.02
N SER A 58 -32.66 -8.04 -6.80
CA SER A 58 -32.47 -9.39 -6.26
C SER A 58 -31.10 -9.63 -5.65
N SER A 59 -30.12 -8.76 -5.88
CA SER A 59 -28.79 -8.92 -5.30
C SER A 59 -28.71 -8.55 -3.82
N GLY A 60 -29.75 -7.97 -3.24
CA GLY A 60 -29.69 -7.51 -1.86
C GLY A 60 -30.90 -7.96 -1.07
N ARG A 61 -30.69 -8.10 0.23
CA ARG A 61 -31.77 -8.35 1.18
C ARG A 61 -31.57 -7.43 2.37
N PRO A 62 -32.62 -7.15 3.13
CA PRO A 62 -32.44 -6.35 4.34
C PRO A 62 -31.40 -7.01 5.23
N THR A 63 -30.53 -6.20 5.83
CA THR A 63 -29.53 -6.74 6.75
C THR A 63 -30.20 -7.53 7.87
N ALA A 64 -31.36 -7.04 8.35
CA ALA A 64 -32.04 -7.72 9.45
C ALA A 64 -32.50 -9.12 9.06
N SER A 65 -32.68 -9.38 7.77
CA SER A 65 -33.15 -10.70 7.38
C SER A 65 -32.03 -11.74 7.34
N VAL A 66 -30.76 -11.34 7.32
CA VAL A 66 -29.64 -12.29 7.32
C VAL A 66 -28.90 -12.33 8.65
N ILE A 67 -29.20 -11.42 9.58
CA ILE A 67 -28.67 -11.50 10.94
C ILE A 67 -29.14 -12.83 11.51
N PRO A 68 -28.25 -13.74 11.90
CA PRO A 68 -28.73 -15.01 12.50
C PRO A 68 -29.61 -14.69 13.69
N SER A 69 -30.78 -15.33 13.75
CA SER A 69 -31.77 -14.93 14.74
C SER A 69 -31.21 -15.06 16.16
N GLY A 70 -31.53 -14.09 16.99
CA GLY A 70 -31.02 -14.01 18.35
C GLY A 70 -29.69 -13.30 18.49
N VAL A 71 -28.99 -12.99 17.38
CA VAL A 71 -27.71 -12.31 17.43
C VAL A 71 -27.99 -10.81 17.45
N GLU A 72 -27.20 -10.06 18.20
CA GLU A 72 -27.43 -8.64 18.34
C GLU A 72 -26.87 -7.88 17.13
N TRP A 73 -27.72 -7.07 16.49
CA TRP A 73 -27.29 -6.22 15.38
C TRP A 73 -27.13 -4.80 15.91
N ILE A 74 -25.91 -4.32 15.92
CA ILE A 74 -25.61 -2.96 16.36
C ILE A 74 -25.41 -2.14 15.09
N LYS A 75 -26.39 -1.29 14.79
CA LYS A 75 -26.39 -0.55 13.53
C LYS A 75 -25.56 0.71 13.72
N ALA A 76 -24.28 0.61 13.40
CA ALA A 76 -23.35 1.71 13.61
C ALA A 76 -22.09 1.41 12.82
N ARG A 77 -21.24 2.42 12.72
CA ARG A 77 -19.93 2.28 12.10
C ARG A 77 -18.88 2.20 13.19
N VAL A 78 -17.94 1.26 13.04
CA VAL A 78 -16.77 1.22 13.91
C VAL A 78 -15.90 2.43 13.60
N THR A 79 -15.51 3.17 14.64
CA THR A 79 -14.69 4.38 14.47
C THR A 79 -13.30 4.25 15.06
N GLU A 80 -13.06 3.28 15.93
CA GLU A 80 -11.76 3.10 16.54
C GLU A 80 -11.69 1.70 17.12
N LEU A 81 -10.49 1.12 17.08
CA LEU A 81 -10.23 -0.18 17.68
C LEU A 81 -9.17 -0.02 18.75
N ASN A 82 -9.46 -0.55 19.94
CA ASN A 82 -8.53 -0.48 21.07
C ASN A 82 -8.25 -1.89 21.56
N PRO A 83 -7.52 -2.70 20.79
CA PRO A 83 -7.36 -4.11 21.16
C PRO A 83 -6.60 -4.31 22.47
N ASP A 84 -5.82 -3.32 22.89
CA ASP A 84 -5.13 -3.45 24.18
C ASP A 84 -6.10 -3.37 25.34
N LYS A 85 -7.30 -2.82 25.15
CA LYS A 85 -8.34 -2.80 26.18
C LYS A 85 -9.53 -3.66 25.79
N ASN A 86 -9.40 -4.49 24.76
CA ASN A 86 -10.47 -5.36 24.27
C ASN A 86 -11.77 -4.60 24.05
N CYS A 87 -11.69 -3.51 23.29
CA CYS A 87 -12.91 -2.77 23.03
C CYS A 87 -12.77 -2.03 21.70
N ILE A 88 -13.91 -1.52 21.22
CA ILE A 88 -13.97 -0.70 20.01
C ILE A 88 -14.87 0.49 20.27
N HIS A 89 -14.85 1.45 19.36
CA HIS A 89 -15.74 2.60 19.41
C HIS A 89 -16.63 2.59 18.18
N THR A 90 -17.83 3.14 18.33
CA THR A 90 -18.77 3.26 17.23
C THR A 90 -19.23 4.71 17.12
N ASP A 91 -19.76 5.08 15.95
CA ASP A 91 -20.20 6.45 15.73
C ASP A 91 -21.51 6.80 16.41
N ASP A 92 -22.04 5.97 17.32
CA ASP A 92 -23.11 6.42 18.20
C ASP A 92 -22.59 6.74 19.59
N ASP A 93 -21.30 7.12 19.69
CA ASP A 93 -20.63 7.54 20.92
C ASP A 93 -20.63 6.46 22.00
N GLU A 94 -20.59 5.18 21.60
CA GLU A 94 -20.51 4.08 22.55
C GLU A 94 -19.21 3.30 22.37
N LYS A 95 -18.84 2.60 23.42
CA LYS A 95 -17.72 1.68 23.41
C LYS A 95 -18.25 0.28 23.64
N ILE A 96 -17.67 -0.71 22.96
CA ILE A 96 -18.10 -2.08 23.11
C ILE A 96 -16.88 -2.95 23.34
N SER A 97 -16.92 -3.78 24.39
CA SER A 97 -15.83 -4.68 24.72
C SER A 97 -16.22 -6.11 24.36
N TYR A 98 -15.22 -6.98 24.31
CA TYR A 98 -15.42 -8.32 23.79
C TYR A 98 -14.47 -9.28 24.49
N ARG A 99 -14.82 -10.56 24.46
CA ARG A 99 -13.78 -11.54 24.75
C ARG A 99 -13.00 -11.93 23.50
N TYR A 100 -13.68 -12.07 22.34
CA TYR A 100 -13.06 -12.37 21.05
C TYR A 100 -13.60 -11.40 20.00
N LEU A 101 -12.73 -10.93 19.12
CA LEU A 101 -13.11 -10.00 18.06
C LEU A 101 -12.90 -10.68 16.71
N ILE A 102 -13.90 -10.60 15.84
CA ILE A 102 -13.78 -11.06 14.45
C ILE A 102 -13.96 -9.86 13.53
N ILE A 103 -12.91 -9.50 12.80
CA ILE A 103 -12.91 -8.31 11.95
C ILE A 103 -13.19 -8.72 10.51
N ALA A 104 -14.33 -8.28 9.98
CA ALA A 104 -14.76 -8.64 8.62
C ALA A 104 -15.30 -7.40 7.91
N LEU A 105 -14.48 -6.36 7.86
CA LEU A 105 -14.89 -5.03 7.43
C LEU A 105 -14.75 -4.82 5.92
N GLY A 106 -14.38 -5.85 5.17
CA GLY A 106 -14.34 -5.73 3.72
C GLY A 106 -13.21 -4.85 3.20
N ILE A 107 -13.36 -4.44 1.95
CA ILE A 107 -12.43 -3.53 1.30
C ILE A 107 -13.18 -2.23 1.03
N GLN A 108 -12.45 -1.12 0.99
CA GLN A 108 -13.03 0.20 0.80
C GLN A 108 -12.88 0.63 -0.65
N LEU A 109 -13.92 1.25 -1.21
CA LEU A 109 -13.87 1.76 -2.59
C LEU A 109 -13.51 3.25 -2.56
N ASP A 110 -12.56 3.65 -3.40
CA ASP A 110 -12.10 5.04 -3.41
C ASP A 110 -12.29 5.71 -4.76
N TYR A 111 -13.54 5.86 -5.21
CA TYR A 111 -13.78 6.47 -6.51
C TYR A 111 -13.20 7.88 -6.58
N GLU A 112 -13.27 8.64 -5.48
CA GLU A 112 -12.87 10.04 -5.54
C GLU A 112 -11.36 10.23 -5.67
N LYS A 113 -10.56 9.15 -5.58
CA LYS A 113 -9.15 9.31 -5.90
C LYS A 113 -8.93 9.51 -7.40
N ILE A 114 -9.91 9.17 -8.23
CA ILE A 114 -9.87 9.47 -9.65
C ILE A 114 -10.48 10.85 -9.84
N LYS A 115 -9.69 11.78 -10.36
CA LYS A 115 -10.19 13.12 -10.58
C LYS A 115 -11.42 13.08 -11.47
N GLY A 116 -12.47 13.79 -11.06
CA GLY A 116 -13.73 13.81 -11.78
C GLY A 116 -14.76 12.79 -11.33
N LEU A 117 -14.41 11.92 -10.38
CA LEU A 117 -15.36 10.95 -9.85
C LEU A 117 -15.60 11.23 -8.36
N PRO A 118 -16.76 10.87 -7.81
CA PRO A 118 -17.89 10.19 -8.43
C PRO A 118 -18.84 11.11 -9.19
N GLU A 119 -18.59 12.43 -9.17
CA GLU A 119 -19.50 13.36 -9.85
C GLU A 119 -19.69 13.01 -11.33
N GLY A 120 -18.67 12.45 -11.98
CA GLY A 120 -18.81 12.11 -13.39
C GLY A 120 -19.91 11.10 -13.68
N PHE A 121 -20.26 10.26 -12.70
CA PHE A 121 -21.29 9.24 -12.90
C PHE A 121 -22.67 9.85 -13.13
N ALA A 122 -22.84 11.14 -12.86
CA ALA A 122 -24.08 11.81 -13.18
C ALA A 122 -24.29 11.95 -14.68
N HIS A 123 -23.25 11.76 -15.48
CA HIS A 123 -23.34 11.91 -16.92
C HIS A 123 -23.52 10.55 -17.58
N PRO A 124 -24.01 10.52 -18.83
CA PRO A 124 -24.15 9.24 -19.54
C PRO A 124 -22.80 8.63 -19.89
N LYS A 125 -22.87 7.35 -20.29
CA LYS A 125 -21.80 6.58 -20.94
C LYS A 125 -20.74 6.06 -19.97
N ILE A 126 -20.97 6.09 -18.66
CA ILE A 126 -19.94 5.70 -17.70
C ILE A 126 -20.59 4.92 -16.56
N GLY A 127 -20.04 3.76 -16.24
CA GLY A 127 -20.58 2.93 -15.19
C GLY A 127 -19.47 2.25 -14.40
N SER A 128 -19.89 1.45 -13.42
CA SER A 128 -18.95 0.70 -12.59
C SER A 128 -19.74 -0.39 -11.87
N ASN A 129 -19.34 -1.64 -12.05
CA ASN A 129 -20.04 -2.74 -11.41
C ASN A 129 -19.72 -2.88 -9.93
N TYR A 130 -18.86 -2.04 -9.39
CA TYR A 130 -18.37 -2.23 -8.03
C TYR A 130 -19.24 -1.54 -6.99
N SER A 131 -20.23 -0.77 -7.42
CA SER A 131 -21.03 0.06 -6.53
C SER A 131 -22.50 -0.16 -6.84
N VAL A 132 -23.31 -0.29 -5.78
CA VAL A 132 -24.76 -0.31 -5.95
C VAL A 132 -25.26 0.94 -6.68
N LYS A 133 -24.55 2.07 -6.53
CA LYS A 133 -25.00 3.31 -7.17
C LYS A 133 -24.62 3.43 -8.65
N THR A 134 -23.76 2.53 -9.16
CA THR A 134 -23.22 2.68 -10.51
C THR A 134 -23.33 1.43 -11.38
N VAL A 135 -23.69 0.26 -10.82
CA VAL A 135 -23.73 -0.95 -11.64
C VAL A 135 -24.80 -0.84 -12.73
N GLU A 136 -25.94 -0.23 -12.43
CA GLU A 136 -26.97 -0.10 -13.46
C GLU A 136 -26.58 0.91 -14.51
N LYS A 137 -25.69 1.84 -14.15
CA LYS A 137 -25.12 2.75 -15.14
C LYS A 137 -24.20 2.03 -16.12
N THR A 138 -23.51 0.97 -15.69
CA THR A 138 -22.81 0.14 -16.66
C THR A 138 -23.77 -0.35 -17.74
N TRP A 139 -24.88 -0.94 -17.32
CA TRP A 139 -25.81 -1.54 -18.27
C TRP A 139 -26.41 -0.48 -19.18
N LYS A 140 -26.73 0.70 -18.63
CA LYS A 140 -27.24 1.76 -19.50
C LYS A 140 -26.21 2.16 -20.55
N ALA A 141 -24.95 2.30 -20.14
CA ALA A 141 -23.92 2.68 -21.11
C ALA A 141 -23.78 1.61 -22.19
N LEU A 142 -23.78 0.34 -21.78
CA LEU A 142 -23.74 -0.76 -22.75
C LEU A 142 -24.92 -0.66 -23.72
N GLN A 143 -26.12 -0.40 -23.19
CA GLN A 143 -27.32 -0.37 -24.02
C GLN A 143 -27.28 0.76 -25.03
N ASP A 144 -26.92 1.96 -24.57
CA ASP A 144 -26.93 3.18 -25.37
C ASP A 144 -25.67 3.35 -26.21
N PHE A 145 -24.70 2.45 -26.09
CA PHE A 145 -23.51 2.48 -26.94
C PHE A 145 -23.91 2.43 -28.41
N LYS A 146 -23.41 3.37 -29.21
CA LYS A 146 -23.55 3.31 -30.67
C LYS A 146 -22.23 3.08 -31.37
N GLU A 147 -21.19 3.86 -31.07
CA GLU A 147 -19.98 3.86 -31.87
C GLU A 147 -18.82 4.46 -31.08
N GLY A 148 -17.68 3.74 -31.08
CA GLY A 148 -16.46 4.31 -30.54
C GLY A 148 -15.65 3.37 -29.68
N ASN A 149 -14.95 3.94 -28.70
CA ASN A 149 -14.17 3.14 -27.76
C ASN A 149 -15.05 2.66 -26.61
N ALA A 150 -14.94 1.39 -26.28
CA ALA A 150 -15.50 0.83 -25.04
C ALA A 150 -14.31 0.47 -24.17
N ILE A 151 -14.13 1.19 -23.06
CA ILE A 151 -12.90 1.14 -22.28
C ILE A 151 -13.18 0.55 -20.92
N PHE A 152 -12.32 -0.36 -20.47
CA PHE A 152 -12.47 -1.07 -19.20
C PHE A 152 -11.18 -0.94 -18.41
N THR A 153 -11.27 -0.49 -17.14
CA THR A 153 -10.07 -0.13 -16.40
C THR A 153 -9.80 -1.08 -15.24
N PHE A 154 -8.54 -1.05 -14.76
CA PHE A 154 -8.11 -1.81 -13.60
C PHE A 154 -7.11 -0.95 -12.83
N PRO A 155 -7.36 -0.68 -11.55
CA PRO A 155 -6.59 0.35 -10.83
C PRO A 155 -5.24 -0.17 -10.37
N ASN A 156 -4.45 0.74 -9.80
CA ASN A 156 -3.12 0.45 -9.26
C ASN A 156 -3.14 0.12 -7.77
N THR A 157 -4.13 -0.63 -7.31
CA THR A 157 -4.29 -0.94 -5.89
C THR A 157 -4.71 -2.40 -5.79
N PRO A 158 -4.73 -2.99 -4.60
CA PRO A 158 -5.47 -4.24 -4.43
C PRO A 158 -6.92 -4.05 -4.82
N VAL A 159 -7.60 -5.14 -5.15
CA VAL A 159 -9.01 -5.12 -5.52
C VAL A 159 -9.68 -6.37 -4.99
N LYS A 160 -11.02 -6.31 -4.88
CA LYS A 160 -11.78 -7.53 -4.70
C LYS A 160 -12.25 -8.02 -6.08
N CSS A 161 -12.33 -9.34 -6.21
CA CSS A 161 -12.63 -10.01 -7.46
CB CSS A 161 -14.12 -9.99 -7.85
SG CSS A 161 -14.50 -11.09 -9.20
SD CSS A 161 -13.97 -12.98 -8.46
C CSS A 161 -11.83 -9.42 -8.63
O CSS A 161 -12.34 -8.71 -9.50
N ALA A 162 -10.55 -9.77 -8.67
CA ALA A 162 -9.61 -9.30 -9.70
C ALA A 162 -10.07 -9.56 -11.15
N GLY A 163 -10.95 -10.53 -11.34
CA GLY A 163 -11.44 -10.91 -12.66
C GLY A 163 -12.65 -10.11 -13.11
N ALA A 164 -13.46 -9.58 -12.17
CA ALA A 164 -14.62 -8.79 -12.56
C ALA A 164 -14.32 -7.63 -13.52
N PRO A 165 -13.17 -6.93 -13.42
CA PRO A 165 -12.93 -5.82 -14.38
C PRO A 165 -12.90 -6.25 -15.83
N GLN A 166 -12.49 -7.48 -16.12
CA GLN A 166 -12.52 -7.94 -17.50
C GLN A 166 -13.75 -8.77 -17.85
N LYS A 167 -14.37 -9.43 -16.86
CA LYS A 167 -15.61 -10.15 -17.11
C LYS A 167 -16.60 -9.27 -17.86
N ILE A 168 -16.74 -8.01 -17.44
CA ILE A 168 -17.71 -7.10 -18.03
C ILE A 168 -17.23 -6.62 -19.39
N MET A 169 -15.93 -6.75 -19.67
CA MET A 169 -15.48 -6.51 -21.02
C MET A 169 -15.93 -7.63 -21.95
N TYR A 170 -15.79 -8.90 -21.53
CA TYR A 170 -16.27 -10.01 -22.38
C TYR A 170 -17.77 -9.97 -22.55
N LEU A 171 -18.51 -9.56 -21.50
CA LEU A 171 -19.95 -9.47 -21.64
C LEU A 171 -20.32 -8.35 -22.61
N SER A 172 -19.60 -7.22 -22.55
CA SER A 172 -19.86 -6.12 -23.47
C SER A 172 -19.56 -6.51 -24.90
N GLU A 173 -18.44 -7.20 -25.11
CA GLU A 173 -18.09 -7.67 -26.45
C GLU A 173 -19.19 -8.56 -27.02
N ALA A 174 -19.69 -9.50 -26.22
CA ALA A 174 -20.77 -10.38 -26.68
C ALA A 174 -22.03 -9.59 -26.99
N TYR A 175 -22.32 -8.57 -26.18
CA TYR A 175 -23.52 -7.76 -26.40
C TYR A 175 -23.44 -7.02 -27.72
N PHE A 176 -22.25 -6.49 -28.06
CA PHE A 176 -22.06 -5.82 -29.33
C PHE A 176 -22.28 -6.78 -30.50
N ARG A 177 -21.80 -8.03 -30.37
CA ARG A 177 -22.07 -9.02 -31.40
C ARG A 177 -23.56 -9.37 -31.47
N LYS A 178 -24.20 -9.54 -30.31
CA LYS A 178 -25.61 -9.91 -30.33
C LYS A 178 -26.47 -8.82 -30.94
N THR A 179 -26.09 -7.56 -30.75
CA THR A 179 -26.89 -6.45 -31.26
C THR A 179 -26.35 -5.87 -32.55
N GLY A 180 -25.41 -6.56 -33.20
CA GLY A 180 -25.00 -6.14 -34.52
C GLY A 180 -24.12 -4.92 -34.59
N LYS A 181 -23.44 -4.54 -33.51
CA LYS A 181 -22.59 -3.36 -33.60
C LYS A 181 -21.15 -3.66 -33.17
N ARG A 182 -20.70 -4.90 -33.34
CA ARG A 182 -19.32 -5.23 -32.95
C ARG A 182 -18.30 -4.43 -33.73
N SER A 183 -18.55 -4.21 -35.03
CA SER A 183 -17.62 -3.50 -35.88
C SER A 183 -17.51 -2.03 -35.53
N LYS A 184 -18.50 -1.49 -34.83
CA LYS A 184 -18.43 -0.10 -34.40
C LYS A 184 -17.75 0.08 -33.04
N ALA A 185 -17.36 -1.02 -32.38
CA ALA A 185 -16.79 -0.95 -31.05
C ALA A 185 -15.29 -1.25 -31.11
N ASN A 186 -14.48 -0.34 -30.58
CA ASN A 186 -13.06 -0.57 -30.33
C ASN A 186 -12.89 -0.83 -28.83
N ILE A 187 -12.65 -2.09 -28.46
CA ILE A 187 -12.71 -2.51 -27.07
C ILE A 187 -11.30 -2.52 -26.48
N ILE A 188 -11.12 -1.77 -25.39
CA ILE A 188 -9.82 -1.52 -24.78
C ILE A 188 -9.87 -1.87 -23.31
N PHE A 189 -8.92 -2.69 -22.86
CA PHE A 189 -8.73 -2.97 -21.43
C PHE A 189 -7.42 -2.30 -21.02
N ASN A 190 -7.52 -1.22 -20.24
CA ASN A 190 -6.36 -0.48 -19.71
C ASN A 190 -6.16 -0.90 -18.27
N THR A 191 -5.19 -1.76 -18.05
CA THR A 191 -4.95 -2.33 -16.73
C THR A 191 -3.62 -1.84 -16.18
N SER A 192 -3.61 -1.57 -14.87
CA SER A 192 -2.37 -1.22 -14.18
C SER A 192 -1.41 -2.39 -14.09
N LEU A 193 -1.91 -3.62 -14.25
CA LEU A 193 -1.07 -4.79 -14.07
C LEU A 193 -0.25 -5.07 -15.33
N GLY A 194 0.72 -5.97 -15.18
CA GLY A 194 1.52 -6.44 -16.29
C GLY A 194 1.05 -7.74 -16.94
N ALA A 195 0.03 -8.40 -16.40
CA ALA A 195 -0.49 -9.63 -16.98
C ALA A 195 -2.01 -9.59 -16.95
N ILE A 196 -2.65 -10.35 -17.84
CA ILE A 196 -4.11 -10.40 -17.87
C ILE A 196 -4.69 -11.18 -16.69
N PHE A 197 -3.91 -12.07 -16.09
CA PHE A 197 -4.37 -12.83 -14.94
C PHE A 197 -3.15 -13.43 -14.29
N GLY A 198 -3.25 -13.75 -13.01
CA GLY A 198 -2.10 -14.17 -12.22
C GLY A 198 -1.77 -15.64 -12.25
N VAL A 199 -2.65 -16.49 -12.77
CA VAL A 199 -2.42 -17.93 -12.86
C VAL A 199 -2.28 -18.30 -14.33
N LYS A 200 -1.17 -18.97 -14.68
CA LYS A 200 -0.84 -19.12 -16.10
C LYS A 200 -1.92 -19.92 -16.84
N LYS A 201 -2.47 -20.96 -16.21
CA LYS A 201 -3.45 -21.79 -16.91
C LYS A 201 -4.62 -20.96 -17.42
N TYR A 202 -5.09 -20.01 -16.61
CA TYR A 202 -6.24 -19.21 -17.01
C TYR A 202 -5.85 -17.96 -17.78
N ALA A 203 -4.66 -17.40 -17.50
CA ALA A 203 -4.17 -16.29 -18.31
C ALA A 203 -4.05 -16.71 -19.77
N ASP A 204 -3.47 -17.89 -20.03
CA ASP A 204 -3.41 -18.43 -21.39
C ASP A 204 -4.80 -18.54 -22.01
N ALA A 205 -5.78 -19.04 -21.24
CA ALA A 205 -7.11 -19.23 -21.80
C ALA A 205 -7.77 -17.89 -22.12
N LEU A 206 -7.56 -16.89 -21.26
CA LEU A 206 -8.11 -15.57 -21.53
C LEU A 206 -7.39 -14.89 -22.71
N GLN A 207 -6.07 -15.12 -22.84
CA GLN A 207 -5.34 -14.53 -23.95
C GLN A 207 -5.85 -15.05 -25.30
N GLU A 208 -6.20 -16.34 -25.38
CA GLU A 208 -6.80 -16.83 -26.62
C GLU A 208 -8.10 -16.10 -26.93
N ILE A 209 -8.89 -15.79 -25.89
CA ILE A 209 -10.11 -15.03 -26.11
C ILE A 209 -9.78 -13.60 -26.52
N ILE A 210 -8.75 -13.02 -25.92
CA ILE A 210 -8.35 -11.67 -26.28
C ILE A 210 -7.99 -11.59 -27.76
N GLN A 211 -7.33 -12.62 -28.30
CA GLN A 211 -6.92 -12.64 -29.70
C GLN A 211 -8.12 -12.90 -30.60
N GLU A 212 -8.90 -13.94 -30.33
CA GLU A 212 -10.03 -14.27 -31.20
C GLU A 212 -11.02 -13.13 -31.29
N ARG A 213 -11.28 -12.46 -30.18
CA ARG A 213 -12.35 -11.47 -30.16
C ARG A 213 -11.82 -10.06 -30.38
N ASN A 214 -10.55 -9.91 -30.78
CA ASN A 214 -10.00 -8.65 -31.26
C ASN A 214 -10.06 -7.56 -30.20
N LEU A 215 -9.62 -7.91 -28.99
CA LEU A 215 -9.58 -6.95 -27.88
C LEU A 215 -8.19 -6.37 -27.76
N THR A 216 -8.13 -5.12 -27.33
CA THR A 216 -6.86 -4.46 -27.04
C THR A 216 -6.67 -4.40 -25.53
N VAL A 217 -5.50 -4.83 -25.06
CA VAL A 217 -5.09 -4.68 -23.68
C VAL A 217 -3.87 -3.77 -23.65
N ASN A 218 -3.93 -2.69 -22.87
CA ASN A 218 -2.75 -1.87 -22.63
C ASN A 218 -2.33 -2.07 -21.19
N TYR A 219 -1.12 -2.60 -21.00
CA TYR A 219 -0.65 -2.96 -19.68
C TYR A 219 0.05 -1.78 -19.02
N LYS A 220 0.14 -1.85 -17.70
CA LYS A 220 0.69 -0.76 -16.88
C LYS A 220 0.12 0.60 -17.30
N LYS A 221 -1.20 0.66 -17.40
CA LYS A 221 -1.93 1.85 -17.82
C LYS A 221 -3.04 2.10 -16.81
N ASN A 222 -2.99 3.24 -16.13
CA ASN A 222 -3.88 3.47 -15.00
C ASN A 222 -4.75 4.69 -15.21
N LEU A 223 -6.06 4.51 -15.07
CA LEU A 223 -6.99 5.63 -15.10
C LEU A 223 -6.71 6.60 -13.96
N ILE A 224 -6.43 7.86 -14.29
CA ILE A 224 -6.27 8.88 -13.26
C ILE A 224 -7.31 9.98 -13.34
N GLU A 225 -8.05 10.11 -14.43
CA GLU A 225 -9.01 11.21 -14.50
C GLU A 225 -10.10 10.87 -15.48
N VAL A 226 -11.32 11.31 -15.16
CA VAL A 226 -12.46 11.27 -16.06
C VAL A 226 -12.95 12.71 -16.24
N ARG A 227 -13.23 13.09 -17.49
CA ARG A 227 -13.95 14.32 -17.82
C ARG A 227 -15.28 13.91 -18.45
N ALA A 228 -16.28 13.68 -17.59
CA ALA A 228 -17.48 12.97 -18.04
C ALA A 228 -18.31 13.81 -18.99
N ASP A 229 -18.33 15.13 -18.79
CA ASP A 229 -19.00 16.06 -19.69
C ASP A 229 -18.42 16.03 -21.09
N LYS A 230 -17.16 15.61 -21.24
CA LYS A 230 -16.49 15.55 -22.52
C LYS A 230 -16.27 14.13 -23.03
N GLN A 231 -16.66 13.11 -22.25
CA GLN A 231 -16.48 11.71 -22.65
C GLN A 231 -15.01 11.40 -22.90
N GLU A 232 -14.15 11.97 -22.06
CA GLU A 232 -12.71 11.79 -22.13
C GLU A 232 -12.22 11.18 -20.82
N ALA A 233 -11.22 10.31 -20.94
CA ALA A 233 -10.55 9.71 -19.80
C ALA A 233 -9.04 9.88 -19.98
N VAL A 234 -8.34 10.03 -18.85
CA VAL A 234 -6.90 10.26 -18.84
C VAL A 234 -6.24 9.06 -18.16
N PHE A 235 -5.26 8.46 -18.85
CA PHE A 235 -4.54 7.31 -18.34
C PHE A 235 -3.07 7.64 -18.18
N GLU A 236 -2.53 7.39 -16.99
CA GLU A 236 -1.10 7.53 -16.79
C GLU A 236 -0.40 6.25 -17.22
N ASN A 237 0.81 6.41 -17.72
CA ASN A 237 1.66 5.29 -18.10
C ASN A 237 2.59 5.02 -16.92
N LEU A 238 2.28 3.96 -16.17
CA LEU A 238 3.06 3.64 -14.96
C LEU A 238 4.51 3.30 -15.27
N ASP A 239 4.85 3.01 -16.54
CA ASP A 239 6.22 2.70 -16.93
C ASP A 239 7.03 3.96 -17.25
N LYS A 240 6.38 5.03 -17.72
CA LYS A 240 7.03 6.31 -18.01
C LYS A 240 6.35 7.37 -17.15
N PRO A 241 6.85 7.60 -15.92
CA PRO A 241 6.22 8.58 -15.04
C PRO A 241 6.11 9.95 -15.70
N GLY A 242 4.94 10.57 -15.54
CA GLY A 242 4.63 11.86 -16.12
C GLY A 242 3.93 11.79 -17.46
N GLU A 243 4.15 10.73 -18.22
CA GLU A 243 3.48 10.58 -19.50
C GLU A 243 2.04 10.12 -19.27
N THR A 244 1.09 10.85 -19.83
CA THR A 244 -0.32 10.52 -19.69
C THR A 244 -0.95 10.54 -21.07
N GLN A 245 -2.04 9.80 -21.21
CA GLN A 245 -2.78 9.73 -22.47
C GLN A 245 -4.23 10.11 -22.24
N VAL A 246 -4.75 11.01 -23.08
CA VAL A 246 -6.16 11.38 -23.10
C VAL A 246 -6.82 10.60 -24.22
N ILE A 247 -8.00 10.03 -23.95
CA ILE A 247 -8.69 9.22 -24.94
C ILE A 247 -10.20 9.36 -24.75
N SER A 248 -10.92 9.42 -25.87
CA SER A 248 -12.38 9.50 -25.84
C SER A 248 -13.00 8.13 -25.67
N TYR A 249 -14.17 8.09 -25.03
CA TYR A 249 -14.89 6.82 -24.91
C TYR A 249 -16.35 6.99 -25.30
N GLU A 250 -16.92 5.93 -25.86
CA GLU A 250 -18.36 5.77 -25.97
C GLU A 250 -18.95 5.01 -24.79
N MET A 251 -18.13 4.24 -24.09
CA MET A 251 -18.53 3.60 -22.85
C MET A 251 -17.27 3.38 -22.02
N LEU A 252 -17.39 3.69 -20.72
CA LEU A 252 -16.29 3.56 -19.77
C LEU A 252 -16.80 2.79 -18.57
N HIS A 253 -16.21 1.66 -18.28
CA HIS A 253 -16.45 0.96 -17.03
C HIS A 253 -15.26 1.18 -16.10
N VAL A 254 -15.52 1.81 -14.96
CA VAL A 254 -14.47 2.16 -14.01
C VAL A 254 -14.43 1.10 -12.92
N THR A 255 -13.27 0.46 -12.77
CA THR A 255 -12.98 -0.28 -11.55
C THR A 255 -12.27 0.68 -10.58
N PRO A 256 -12.87 1.01 -9.44
CA PRO A 256 -12.28 2.04 -8.59
C PRO A 256 -11.02 1.56 -7.90
N PRO A 257 -10.08 2.46 -7.60
CA PRO A 257 -9.06 2.14 -6.60
C PRO A 257 -9.71 1.72 -5.30
N MET A 258 -9.08 0.77 -4.62
CA MET A 258 -9.59 0.23 -3.37
C MET A 258 -8.48 0.23 -2.33
N SER A 259 -8.87 0.21 -1.05
CA SER A 259 -7.92 0.35 0.04
C SER A 259 -8.53 -0.30 1.28
N PRO A 260 -7.72 -0.55 2.32
CA PRO A 260 -8.29 -1.00 3.57
C PRO A 260 -9.30 0.01 4.09
N PRO A 261 -10.33 -0.44 4.78
CA PRO A 261 -11.31 0.49 5.35
C PRO A 261 -10.62 1.54 6.20
N ASP A 262 -11.08 2.79 6.07
CA ASP A 262 -10.40 3.92 6.72
C ASP A 262 -10.15 3.65 8.20
N VAL A 263 -11.08 3.00 8.89
CA VAL A 263 -10.91 2.82 10.33
C VAL A 263 -9.76 1.86 10.63
N LEU A 264 -9.41 0.96 9.70
CA LEU A 264 -8.31 0.03 9.93
C LEU A 264 -6.95 0.60 9.57
N LYS A 265 -6.91 1.55 8.62
CA LYS A 265 -5.66 2.06 8.08
C LYS A 265 -4.69 2.47 9.18
N THR A 266 -5.19 3.17 10.20
CA THR A 266 -4.34 3.69 11.26
C THR A 266 -4.42 2.88 12.55
N SER A 267 -5.02 1.73 12.51
CA SER A 267 -5.37 0.98 13.71
C SER A 267 -4.23 0.09 14.19
N PRO A 268 -4.12 -0.16 15.50
CA PRO A 268 -3.11 -1.13 15.97
C PRO A 268 -3.26 -2.53 15.37
N VAL A 269 -4.46 -2.93 14.92
CA VAL A 269 -4.64 -4.26 14.35
C VAL A 269 -4.16 -4.38 12.92
N ALA A 270 -3.78 -3.28 12.28
CA ALA A 270 -3.35 -3.34 10.89
C ALA A 270 -1.85 -3.67 10.79
N ASP A 271 -1.47 -4.21 9.64
CA ASP A 271 -0.04 -4.21 9.29
C ASP A 271 0.30 -2.81 8.79
N ALA A 272 1.52 -2.63 8.30
CA ALA A 272 1.96 -1.30 7.91
C ALA A 272 1.17 -0.77 6.72
N ALA A 273 0.53 -1.65 5.95
CA ALA A 273 -0.25 -1.30 4.77
C ALA A 273 -1.71 -1.02 5.10
N GLY A 274 -2.15 -1.35 6.32
CA GLY A 274 -3.51 -1.05 6.73
C GLY A 274 -4.44 -2.25 6.76
N TRP A 275 -4.00 -3.43 6.32
CA TRP A 275 -4.84 -4.62 6.38
C TRP A 275 -4.75 -5.29 7.75
N VAL A 276 -5.81 -5.98 8.14
CA VAL A 276 -5.78 -6.71 9.39
C VAL A 276 -4.68 -7.76 9.35
N ASP A 277 -3.79 -7.73 10.35
CA ASP A 277 -2.52 -8.46 10.32
C ASP A 277 -2.70 -9.83 10.97
N VAL A 278 -3.04 -10.85 10.15
CA VAL A 278 -3.40 -12.17 10.67
C VAL A 278 -2.43 -13.24 10.20
N ASP A 279 -2.35 -14.33 10.96
CA ASP A 279 -1.65 -15.54 10.54
C ASP A 279 -2.19 -16.04 9.20
N LYS A 280 -1.29 -16.31 8.25
CA LYS A 280 -1.71 -16.71 6.90
C LYS A 280 -2.47 -18.03 6.89
N GLU A 281 -2.32 -18.84 7.93
CA GLU A 281 -2.92 -20.17 7.95
C GLU A 281 -4.08 -20.35 8.92
N THR A 282 -4.06 -19.66 10.07
CA THR A 282 -5.10 -19.85 11.06
C THR A 282 -6.07 -18.68 11.19
N LEU A 283 -5.71 -17.51 10.67
CA LEU A 283 -6.51 -16.28 10.68
C LEU A 283 -6.62 -15.67 12.08
N GLN A 284 -5.80 -16.12 13.02
CA GLN A 284 -5.66 -15.45 14.30
C GLN A 284 -4.70 -14.27 14.15
N HIS A 285 -5.00 -13.18 14.83
CA HIS A 285 -4.17 -11.98 14.71
C HIS A 285 -2.74 -12.27 15.16
N ARG A 286 -1.78 -11.66 14.47
CA ARG A 286 -0.38 -11.91 14.81
C ARG A 286 0.02 -11.39 16.17
N ARG A 287 -0.68 -10.38 16.71
CA ARG A 287 -0.23 -9.70 17.91
C ARG A 287 -1.27 -9.62 19.01
N TYR A 288 -2.54 -9.90 18.72
CA TYR A 288 -3.62 -9.83 19.70
C TYR A 288 -4.32 -11.17 19.64
N PRO A 289 -4.04 -12.08 20.57
CA PRO A 289 -4.44 -13.48 20.38
C PRO A 289 -5.93 -13.69 20.41
N ASN A 290 -6.72 -12.72 20.88
CA ASN A 290 -8.18 -12.84 20.89
C ASN A 290 -8.84 -12.09 19.72
N VAL A 291 -8.06 -11.73 18.70
CA VAL A 291 -8.55 -11.06 17.50
C VAL A 291 -8.32 -11.95 16.30
N PHE A 292 -9.25 -11.88 15.34
CA PHE A 292 -9.27 -12.69 14.14
C PHE A 292 -9.77 -11.85 12.98
N GLY A 293 -9.41 -12.28 11.77
CA GLY A 293 -9.82 -11.56 10.56
C GLY A 293 -10.23 -12.53 9.48
N ILE A 294 -11.17 -12.09 8.65
CA ILE A 294 -11.61 -12.90 7.51
C ILE A 294 -11.95 -11.96 6.36
N GLY A 295 -11.60 -12.39 5.13
CA GLY A 295 -12.10 -11.75 3.94
C GLY A 295 -11.24 -10.58 3.47
N ASP A 296 -11.89 -9.65 2.75
CA ASP A 296 -11.17 -8.62 1.99
C ASP A 296 -10.34 -7.72 2.89
N CYS A 297 -10.71 -7.56 4.16
CA CYS A 297 -9.99 -6.63 5.01
C CYS A 297 -8.68 -7.19 5.53
N THR A 298 -8.39 -8.46 5.32
CA THR A 298 -7.18 -9.05 5.87
C THR A 298 -6.00 -8.89 4.93
N ASN A 299 -4.81 -9.22 5.42
CA ASN A 299 -3.64 -9.28 4.56
C ASN A 299 -3.34 -10.70 4.09
N LEU A 300 -4.33 -11.58 4.08
CA LEU A 300 -4.15 -12.91 3.52
C LEU A 300 -3.71 -12.79 2.06
N PRO A 301 -2.53 -13.31 1.68
CA PRO A 301 -1.98 -13.09 0.32
C PRO A 301 -2.60 -14.03 -0.70
N THR A 302 -3.91 -13.85 -0.92
CA THR A 302 -4.62 -14.59 -1.95
C THR A 302 -5.69 -13.66 -2.50
N SER A 303 -6.37 -14.12 -3.56
CA SER A 303 -7.41 -13.29 -4.16
C SER A 303 -8.49 -12.96 -3.14
N LYS A 304 -8.96 -11.72 -3.17
CA LYS A 304 -10.04 -11.27 -2.30
C LYS A 304 -11.38 -11.60 -2.97
N THR A 305 -11.97 -12.73 -2.57
CA THR A 305 -13.23 -13.19 -3.14
C THR A 305 -14.14 -13.70 -2.03
N ALA A 306 -15.44 -13.81 -2.35
CA ALA A 306 -16.39 -14.47 -1.44
C ALA A 306 -16.08 -15.95 -1.30
N ALA A 307 -15.57 -16.58 -2.37
CA ALA A 307 -15.20 -17.99 -2.29
C ALA A 307 -14.05 -18.19 -1.32
N ALA A 308 -13.09 -17.26 -1.32
CA ALA A 308 -12.03 -17.28 -0.32
C ALA A 308 -12.61 -17.09 1.08
N VAL A 309 -13.61 -16.21 1.22
CA VAL A 309 -14.26 -16.04 2.53
C VAL A 309 -14.85 -17.37 3.00
N ALA A 310 -15.55 -18.08 2.12
CA ALA A 310 -16.15 -19.35 2.52
C ALA A 310 -15.11 -20.35 3.00
N ALA A 311 -14.03 -20.53 2.23
CA ALA A 311 -12.95 -21.41 2.67
C ALA A 311 -12.31 -20.91 3.97
N GLN A 312 -12.09 -19.59 4.10
CA GLN A 312 -11.54 -19.07 5.34
C GLN A 312 -12.47 -19.31 6.51
N SER A 313 -13.77 -19.12 6.29
CA SER A 313 -14.72 -19.28 7.40
C SER A 313 -14.67 -20.68 8.00
N GLY A 314 -14.43 -21.71 7.19
CA GLY A 314 -14.26 -23.04 7.74
C GLY A 314 -13.01 -23.18 8.60
N ILE A 315 -11.89 -22.60 8.16
CA ILE A 315 -10.66 -22.63 8.97
C ILE A 315 -10.87 -21.85 10.26
N LEU A 316 -11.40 -20.62 10.15
CA LEU A 316 -11.49 -19.74 11.29
C LEU A 316 -12.44 -20.28 12.35
N ASP A 317 -13.49 -20.97 11.92
CA ASP A 317 -14.33 -21.71 12.85
C ASP A 317 -13.50 -22.62 13.74
N ARG A 318 -12.63 -23.43 13.12
CA ARG A 318 -11.79 -24.33 13.89
C ARG A 318 -10.80 -23.55 14.75
N THR A 319 -10.18 -22.52 14.17
CA THR A 319 -9.16 -21.76 14.91
C THR A 319 -9.73 -21.24 16.22
N ILE A 320 -10.91 -20.62 16.15
CA ILE A 320 -11.47 -19.99 17.35
C ILE A 320 -11.81 -21.04 18.39
N SER A 321 -12.40 -22.18 17.97
CA SER A 321 -12.80 -23.20 18.95
C SER A 321 -11.60 -23.73 19.72
N VAL A 322 -10.45 -23.89 19.05
CA VAL A 322 -9.28 -24.39 19.76
C VAL A 322 -8.60 -23.27 20.57
N ILE A 323 -8.71 -22.01 20.14
CA ILE A 323 -8.21 -20.92 20.97
C ILE A 323 -9.07 -20.81 22.23
N MET A 324 -10.35 -21.16 22.14
CA MET A 324 -11.22 -21.15 23.31
C MET A 324 -10.82 -22.22 24.32
N LYS A 325 -10.14 -23.29 23.89
CA LYS A 325 -9.66 -24.35 24.77
C LYS A 325 -8.21 -24.17 25.19
N ASN A 326 -7.61 -23.01 24.93
CA ASN A 326 -6.18 -22.79 25.16
C ASN A 326 -5.36 -23.94 24.57
N GLN A 327 -5.71 -24.32 23.35
CA GLN A 327 -4.96 -25.27 22.55
C GLN A 327 -4.36 -24.56 21.34
N THR A 328 -3.54 -25.29 20.60
CA THR A 328 -2.80 -24.73 19.49
C THR A 328 -3.49 -25.09 18.19
N PRO A 329 -3.83 -24.13 17.34
CA PRO A 329 -4.50 -24.45 16.06
C PRO A 329 -3.65 -25.40 15.21
N THR A 330 -4.34 -26.34 14.55
CA THR A 330 -3.68 -27.30 13.67
C THR A 330 -4.22 -27.30 12.23
N LYS A 331 -5.49 -26.99 12.00
CA LYS A 331 -6.00 -26.94 10.63
C LYS A 331 -5.61 -25.60 10.00
N LYS A 332 -5.15 -25.67 8.75
CA LYS A 332 -4.51 -24.54 8.09
C LYS A 332 -5.23 -24.13 6.81
N TYR A 333 -5.48 -22.84 6.65
CA TYR A 333 -5.95 -22.30 5.38
C TYR A 333 -4.85 -22.46 4.32
N ASP A 334 -5.26 -22.87 3.12
CA ASP A 334 -4.33 -23.08 2.03
C ASP A 334 -4.34 -21.95 1.01
N GLY A 335 -5.09 -20.89 1.27
CA GLY A 335 -5.22 -19.83 0.31
C GLY A 335 -6.29 -20.04 -0.74
N TYR A 336 -7.13 -21.06 -0.60
CA TYR A 336 -8.13 -21.34 -1.61
C TYR A 336 -8.89 -20.08 -1.99
N THR A 337 -9.05 -19.89 -3.29
CA THR A 337 -9.89 -18.82 -3.79
C THR A 337 -10.42 -19.26 -5.13
N SER A 338 -11.42 -18.55 -5.61
CA SER A 338 -12.05 -18.93 -6.86
C SER A 338 -12.44 -17.68 -7.62
N CYS A 339 -12.43 -17.79 -8.94
CA CYS A 339 -12.78 -16.67 -9.80
C CYS A 339 -13.56 -17.13 -11.01
N PRO A 340 -14.88 -17.09 -10.94
CA PRO A 340 -15.69 -17.56 -12.07
C PRO A 340 -15.68 -16.51 -13.16
N LEU A 341 -14.76 -16.66 -14.10
CA LEU A 341 -14.53 -15.65 -15.13
C LEU A 341 -15.63 -15.77 -16.18
N VAL A 342 -16.61 -14.88 -16.09
CA VAL A 342 -17.70 -14.85 -17.05
C VAL A 342 -17.14 -14.34 -18.38
N THR A 343 -17.21 -15.18 -19.42
CA THR A 343 -16.64 -14.78 -20.71
C THR A 343 -17.71 -14.52 -21.77
N GLY A 344 -18.97 -14.65 -21.42
CA GLY A 344 -20.08 -14.45 -22.34
C GLY A 344 -21.35 -14.67 -21.57
N TYR A 345 -22.48 -14.42 -22.24
CA TYR A 345 -23.76 -14.56 -21.54
C TYR A 345 -24.11 -16.02 -21.21
N ASN A 346 -23.28 -17.01 -21.59
CA ASN A 346 -23.55 -18.39 -21.20
C ASN A 346 -22.27 -19.22 -21.00
N ARG A 347 -21.15 -18.58 -20.66
CA ARG A 347 -19.89 -19.29 -20.47
C ARG A 347 -19.14 -18.71 -19.29
N VAL A 348 -18.51 -19.60 -18.53
CA VAL A 348 -17.59 -19.24 -17.45
C VAL A 348 -16.36 -20.11 -17.55
N ILE A 349 -15.18 -19.50 -17.40
CA ILE A 349 -13.94 -20.21 -17.09
C ILE A 349 -13.79 -20.15 -15.56
N LEU A 350 -13.96 -21.28 -14.90
CA LEU A 350 -13.96 -21.29 -13.43
C LEU A 350 -12.52 -21.46 -12.97
N ALA A 351 -11.87 -20.34 -12.67
CA ALA A 351 -10.53 -20.35 -12.11
C ALA A 351 -10.59 -20.68 -10.62
N GLU A 352 -9.78 -21.64 -10.19
CA GLU A 352 -9.67 -22.01 -8.79
C GLU A 352 -8.21 -22.26 -8.47
N PHE A 353 -7.70 -21.67 -7.40
CA PHE A 353 -6.27 -21.78 -7.10
C PHE A 353 -6.04 -21.48 -5.63
N ASP A 354 -4.81 -21.66 -5.19
CA ASP A 354 -4.46 -21.52 -3.78
C ASP A 354 -3.26 -20.58 -3.62
N TYR A 355 -2.64 -20.59 -2.44
CA TYR A 355 -1.56 -19.66 -2.13
C TYR A 355 -0.42 -19.75 -3.12
N LYS A 356 -0.21 -20.92 -3.71
CA LYS A 356 0.86 -21.09 -4.69
C LYS A 356 0.50 -20.52 -6.05
N ALA A 357 -0.71 -19.98 -6.21
CA ALA A 357 -1.20 -19.44 -7.49
C ALA A 357 -1.13 -20.51 -8.57
N GLU A 358 -1.44 -21.74 -8.21
CA GLU A 358 -1.50 -22.87 -9.12
C GLU A 358 -2.91 -23.45 -9.12
N PRO A 359 -3.35 -24.04 -10.23
CA PRO A 359 -4.73 -24.53 -10.31
C PRO A 359 -5.06 -25.54 -9.22
N LEU A 360 -6.24 -25.38 -8.63
CA LEU A 360 -6.77 -26.31 -7.64
C LEU A 360 -8.26 -26.50 -7.97
N GLU A 361 -8.53 -27.23 -9.06
CA GLU A 361 -9.88 -27.29 -9.60
C GLU A 361 -10.71 -28.33 -8.87
N THR A 362 -11.99 -28.02 -8.67
CA THR A 362 -12.89 -28.91 -7.95
C THR A 362 -13.35 -30.08 -8.81
N PHE A 363 -13.78 -29.81 -10.03
CA PHE A 363 -14.44 -30.77 -10.89
C PHE A 363 -13.43 -31.60 -11.68
N PRO A 364 -13.84 -32.79 -12.16
CA PRO A 364 -12.88 -33.66 -12.88
C PRO A 364 -12.47 -33.13 -14.26
N PHE A 365 -13.24 -32.23 -14.87
CA PHE A 365 -12.97 -31.72 -16.19
C PHE A 365 -12.10 -30.46 -16.15
N ASP A 366 -11.72 -29.99 -17.34
CA ASP A 366 -10.75 -28.89 -17.48
C ASP A 366 -11.51 -27.56 -17.42
N GLN A 367 -11.33 -26.84 -16.32
CA GLN A 367 -12.04 -25.59 -16.06
C GLN A 367 -11.46 -24.41 -16.81
N SER A 368 -10.30 -24.55 -17.45
CA SER A 368 -9.80 -23.50 -18.33
C SER A 368 -10.62 -23.36 -19.61
N LYS A 369 -11.52 -24.32 -19.89
CA LYS A 369 -12.48 -24.20 -20.98
C LYS A 369 -13.65 -23.30 -20.59
N GLU A 370 -14.10 -22.49 -21.54
CA GLU A 370 -15.40 -21.83 -21.39
C GLU A 370 -16.49 -22.89 -21.29
N ARG A 371 -17.31 -22.82 -20.25
CA ARG A 371 -18.30 -23.85 -20.00
C ARG A 371 -19.68 -23.26 -19.69
N LEU A 372 -20.70 -23.85 -20.30
CA LEU A 372 -22.07 -23.48 -19.94
C LEU A 372 -22.39 -23.91 -18.51
N SER A 373 -22.02 -25.13 -18.13
CA SER A 373 -22.32 -25.61 -16.78
C SER A 373 -21.82 -24.62 -15.73
N MET A 374 -20.60 -24.13 -15.90
CA MET A 374 -20.02 -23.20 -14.95
C MET A 374 -20.73 -21.86 -14.96
N TYR A 375 -21.27 -21.45 -16.12
CA TYR A 375 -22.10 -20.25 -16.14
C TYR A 375 -23.34 -20.43 -15.28
N LEU A 376 -24.07 -21.54 -15.49
CA LEU A 376 -25.30 -21.77 -14.75
C LEU A 376 -25.03 -21.84 -13.25
N MET A 377 -23.89 -22.42 -12.87
CA MET A 377 -23.50 -22.47 -11.47
C MET A 377 -23.32 -21.08 -10.89
N LYS A 378 -22.47 -20.27 -11.53
CA LYS A 378 -22.25 -18.90 -11.08
C LYS A 378 -23.56 -18.11 -11.04
N ALA A 379 -24.33 -18.15 -12.13
CA ALA A 379 -25.44 -17.23 -12.29
C ALA A 379 -26.65 -17.62 -11.47
N ASP A 380 -26.82 -18.92 -11.20
CA ASP A 380 -28.08 -19.40 -10.63
C ASP A 380 -27.91 -20.24 -9.38
N LEU A 381 -26.89 -21.11 -9.33
CA LEU A 381 -26.73 -21.94 -8.14
C LEU A 381 -26.03 -21.19 -7.02
N MET A 382 -24.97 -20.43 -7.34
CA MET A 382 -24.17 -19.75 -6.31
C MET A 382 -24.98 -18.76 -5.48
N PRO A 383 -25.82 -17.88 -6.05
CA PRO A 383 -26.63 -17.01 -5.18
C PRO A 383 -27.50 -17.80 -4.21
N PHE A 384 -28.14 -18.87 -4.68
CA PHE A 384 -29.00 -19.62 -3.80
C PHE A 384 -28.21 -20.22 -2.64
N LEU A 385 -27.04 -20.79 -2.93
CA LEU A 385 -26.28 -21.40 -1.85
C LEU A 385 -25.66 -20.34 -0.96
N TYR A 386 -25.42 -19.14 -1.50
CA TYR A 386 -24.93 -18.05 -0.66
C TYR A 386 -25.94 -17.71 0.42
N TRP A 387 -27.19 -17.45 0.02
CA TRP A 387 -28.17 -16.95 0.97
C TRP A 387 -28.58 -18.03 1.95
N ASN A 388 -28.68 -19.27 1.47
CA ASN A 388 -29.30 -20.35 2.24
C ASN A 388 -28.29 -21.33 2.81
N MET A 389 -27.02 -21.17 2.51
CA MET A 389 -26.03 -22.10 3.05
C MET A 389 -24.83 -21.33 3.62
N MET A 390 -24.17 -20.52 2.81
CA MET A 390 -22.96 -19.86 3.31
C MET A 390 -23.29 -18.91 4.46
N LEU A 391 -24.29 -18.05 4.28
CA LEU A 391 -24.65 -17.08 5.32
C LEU A 391 -25.16 -17.77 6.57
N ARG A 392 -25.50 -19.06 6.49
CA ARG A 392 -25.97 -19.79 7.64
C ARG A 392 -24.88 -20.67 8.25
N GLY A 393 -23.65 -20.57 7.74
CA GLY A 393 -22.54 -21.27 8.31
C GLY A 393 -22.37 -22.69 7.85
N TYR A 394 -22.96 -23.07 6.73
CA TYR A 394 -22.90 -24.45 6.26
C TYR A 394 -22.08 -24.61 4.99
N TRP A 395 -21.28 -23.62 4.62
CA TRP A 395 -20.45 -23.70 3.42
C TRP A 395 -19.03 -23.28 3.76
N GLY A 396 -18.10 -24.22 3.63
CA GLY A 396 -16.71 -23.89 3.87
C GLY A 396 -15.84 -24.03 2.63
N GLY A 397 -16.44 -23.80 1.47
CA GLY A 397 -15.76 -23.99 0.20
C GLY A 397 -15.78 -25.44 -0.23
N PRO A 398 -15.28 -25.72 -1.45
CA PRO A 398 -15.52 -27.03 -2.07
C PRO A 398 -14.45 -28.08 -1.88
N ALA A 399 -13.53 -27.90 -0.93
CA ALA A 399 -12.45 -28.88 -0.78
C ALA A 399 -12.99 -30.31 -0.67
N PHE A 400 -14.06 -30.50 0.10
CA PHE A 400 -14.63 -31.85 0.24
C PHE A 400 -15.16 -32.35 -1.10
N LEU A 401 -15.84 -31.50 -1.87
CA LEU A 401 -16.27 -31.90 -3.20
C LEU A 401 -15.08 -32.29 -4.07
N ARG A 402 -14.00 -31.50 -4.03
CA ARG A 402 -12.83 -31.83 -4.83
C ARG A 402 -12.28 -33.20 -4.44
N LYS A 403 -12.14 -33.48 -3.14
CA LYS A 403 -11.66 -34.78 -2.71
C LYS A 403 -12.67 -35.88 -3.01
N LEU A 404 -13.96 -35.56 -2.92
CA LEU A 404 -14.98 -36.56 -3.24
C LEU A 404 -14.98 -36.90 -4.73
N PHE A 405 -14.70 -35.92 -5.58
CA PHE A 405 -14.65 -36.20 -7.01
C PHE A 405 -13.44 -37.04 -7.37
N HIS A 406 -12.23 -36.55 -7.06
CA HIS A 406 -10.99 -37.29 -7.32
C HIS A 406 -10.95 -38.53 -6.43
N LEU A 407 -11.66 -39.56 -6.88
CA LEU A 407 -11.96 -40.71 -6.05
C LEU A 407 -12.27 -41.90 -6.96
N ASN B 2 -6.28 31.77 12.49
CA ASN B 2 -5.07 32.24 11.82
C ASN B 2 -5.02 31.75 10.37
N HIS B 3 -4.46 32.59 9.50
CA HIS B 3 -4.42 32.32 8.06
C HIS B 3 -3.03 32.68 7.54
N TYR B 4 -2.52 31.89 6.60
CA TYR B 4 -1.21 32.15 6.00
C TYR B 4 -1.30 31.97 4.50
N GLU B 5 -0.57 32.82 3.77
CA GLU B 5 -0.50 32.70 2.32
C GLU B 5 0.05 31.35 1.91
N VAL B 6 1.16 30.93 2.53
CA VAL B 6 1.73 29.60 2.30
C VAL B 6 1.88 28.89 3.64
N LEU B 7 1.18 27.78 3.83
CA LEU B 7 1.31 26.96 5.03
C LEU B 7 2.10 25.71 4.68
N VAL B 8 3.14 25.43 5.45
CA VAL B 8 4.01 24.28 5.24
C VAL B 8 3.75 23.27 6.35
N LEU B 9 3.40 22.03 5.99
CA LEU B 9 3.17 20.96 6.95
C LEU B 9 4.44 20.12 7.06
N GLY B 10 5.15 20.29 8.17
CA GLY B 10 6.35 19.51 8.41
C GLY B 10 7.59 20.37 8.38
N GLY B 11 8.40 20.31 9.44
CA GLY B 11 9.63 21.08 9.49
C GLY B 11 10.87 20.22 9.34
N GLY B 12 10.81 19.26 8.43
CA GLY B 12 11.95 18.42 8.11
C GLY B 12 12.68 18.94 6.89
N SER B 13 13.30 18.02 6.14
CA SER B 13 14.16 18.44 5.03
C SER B 13 13.38 19.21 3.97
N GLY B 14 12.23 18.66 3.56
CA GLY B 14 11.46 19.32 2.51
C GLY B 14 10.76 20.57 3.00
N GLY B 15 10.19 20.51 4.20
CA GLY B 15 9.40 21.64 4.68
C GLY B 15 10.23 22.86 5.00
N ILE B 16 11.39 22.66 5.62
CA ILE B 16 12.28 23.80 5.90
C ILE B 16 12.77 24.41 4.58
N THR B 17 13.25 23.55 3.67
CA THR B 17 13.72 24.00 2.38
C THR B 17 12.66 24.83 1.66
N MET B 18 11.42 24.31 1.62
CA MET B 18 10.35 25.00 0.92
C MET B 18 9.94 26.29 1.65
N ALA B 19 9.97 26.27 2.99
CA ALA B 19 9.63 27.49 3.72
C ALA B 19 10.63 28.61 3.42
N ALA B 20 11.92 28.26 3.33
CA ALA B 20 12.94 29.25 2.99
C ALA B 20 12.76 29.79 1.58
N ARG B 21 12.47 28.90 0.62
CA ARG B 21 12.21 29.36 -0.75
C ARG B 21 10.96 30.23 -0.82
N MET B 22 9.92 29.86 -0.06
CA MET B 22 8.66 30.60 -0.07
C MET B 22 8.74 31.91 0.70
N LYS B 23 9.60 32.01 1.71
CA LYS B 23 9.83 33.29 2.36
C LYS B 23 10.20 34.35 1.35
N ARG B 24 11.07 33.99 0.39
CA ARG B 24 11.53 34.94 -0.61
C ARG B 24 10.50 35.25 -1.66
N LYS B 25 9.38 34.53 -1.70
CA LYS B 25 8.34 34.82 -2.68
C LYS B 25 7.20 35.63 -2.10
N VAL B 26 6.73 35.29 -0.91
CA VAL B 26 5.52 35.89 -0.35
C VAL B 26 5.79 36.70 0.90
N GLY B 27 7.02 36.71 1.41
CA GLY B 27 7.33 37.40 2.65
C GLY B 27 7.33 36.46 3.83
N ALA B 28 8.32 36.59 4.72
CA ALA B 28 8.39 35.67 5.86
C ALA B 28 7.11 35.72 6.67
N GLU B 29 6.54 36.91 6.86
CA GLU B 29 5.34 37.03 7.67
C GLU B 29 4.15 36.30 7.07
N ASN B 30 4.28 35.78 5.85
CA ASN B 30 3.18 35.14 5.14
C ASN B 30 3.34 33.63 5.01
N VAL B 31 4.39 33.07 5.64
CA VAL B 31 4.67 31.64 5.65
C VAL B 31 4.59 31.13 7.08
N ALA B 32 4.06 29.92 7.27
CA ALA B 32 4.11 29.25 8.57
C ALA B 32 4.48 27.78 8.39
N ILE B 33 5.19 27.23 9.38
CA ILE B 33 5.54 25.81 9.41
C ILE B 33 4.81 25.16 10.58
N VAL B 34 4.13 24.04 10.32
CA VAL B 34 3.58 23.21 11.39
C VAL B 34 4.52 22.03 11.61
N GLU B 35 5.08 21.92 12.83
CA GLU B 35 6.06 20.88 13.12
C GLU B 35 6.17 20.65 14.63
N PRO B 36 6.00 19.40 15.12
CA PRO B 36 6.02 19.17 16.58
C PRO B 36 7.40 19.03 17.21
N SER B 37 8.39 18.60 16.44
CA SER B 37 9.69 18.22 17.01
C SER B 37 10.55 19.43 17.34
N GLU B 38 11.11 19.43 18.56
CA GLU B 38 12.08 20.46 18.95
C GLU B 38 13.40 20.32 18.21
N ARG B 39 13.72 19.15 17.69
CA ARG B 39 14.98 18.92 17.00
C ARG B 39 14.75 18.64 15.53
N HIS B 40 15.67 19.13 14.70
CA HIS B 40 15.68 18.86 13.27
C HIS B 40 16.93 18.03 12.94
N PHE B 41 16.74 16.90 12.28
CA PHE B 41 17.86 15.99 12.03
C PHE B 41 18.24 15.91 10.56
N TYR B 42 19.54 15.87 10.32
CA TYR B 42 20.10 15.46 9.04
C TYR B 42 20.26 13.94 9.11
N GLN B 43 19.25 13.23 8.64
CA GLN B 43 19.18 11.80 8.82
C GLN B 43 20.26 11.00 8.05
N PRO B 44 20.71 11.45 6.87
CA PRO B 44 21.69 10.61 6.13
C PRO B 44 22.90 10.21 6.94
N ILE B 45 23.29 11.01 7.94
CA ILE B 45 24.49 10.70 8.70
C ILE B 45 24.25 9.60 9.72
N TRP B 46 23.00 9.19 9.94
CA TRP B 46 22.75 8.12 10.89
C TRP B 46 23.37 6.81 10.43
N THR B 47 23.53 6.63 9.11
CA THR B 47 24.28 5.49 8.59
C THR B 47 25.65 5.40 9.22
N LEU B 48 26.34 6.53 9.35
CA LEU B 48 27.70 6.54 9.89
C LEU B 48 27.71 6.55 11.41
N VAL B 49 26.71 7.14 12.04
CA VAL B 49 26.57 7.02 13.49
C VAL B 49 26.47 5.54 13.88
N GLY B 50 25.61 4.80 13.17
CA GLY B 50 25.43 3.39 13.47
C GLY B 50 26.69 2.58 13.29
N ALA B 51 27.56 3.00 12.38
CA ALA B 51 28.87 2.38 12.18
C ALA B 51 29.93 2.96 13.11
N GLY B 52 29.59 3.96 13.92
CA GLY B 52 30.53 4.56 14.84
C GLY B 52 31.46 5.59 14.24
N ALA B 53 31.24 5.98 12.98
CA ALA B 53 32.14 6.92 12.30
C ALA B 53 31.81 8.38 12.58
N LYS B 54 30.58 8.68 13.02
CA LYS B 54 30.19 10.05 13.35
C LYS B 54 29.36 10.01 14.63
N GLN B 55 29.11 11.21 15.17
CA GLN B 55 28.41 11.38 16.44
C GLN B 55 26.96 11.74 16.18
N LEU B 56 26.06 11.18 17.01
CA LEU B 56 24.64 11.49 16.90
C LEU B 56 24.36 12.97 17.18
N SER B 57 24.98 13.53 18.22
CA SER B 57 24.75 14.92 18.58
C SER B 57 24.93 15.85 17.39
N SER B 58 25.91 15.56 16.53
CA SER B 58 26.18 16.43 15.39
C SER B 58 25.07 16.40 14.33
N SER B 59 24.19 15.40 14.36
CA SER B 59 23.20 15.23 13.30
C SER B 59 21.93 16.02 13.52
N GLY B 60 21.70 16.53 14.72
CA GLY B 60 20.51 17.29 15.02
C GLY B 60 20.86 18.71 15.45
N ARG B 61 19.97 19.64 15.15
CA ARG B 61 20.03 21.00 15.64
C ARG B 61 18.63 21.37 16.11
N PRO B 62 18.52 22.35 17.01
CA PRO B 62 17.19 22.85 17.40
C PRO B 62 16.38 23.23 16.18
N THR B 63 15.12 22.82 16.17
CA THR B 63 14.25 23.19 15.06
C THR B 63 14.23 24.70 14.88
N ALA B 64 14.14 25.46 15.99
CA ALA B 64 14.19 26.93 15.94
C ALA B 64 15.41 27.43 15.19
N SER B 65 16.51 26.67 15.23
CA SER B 65 17.74 27.06 14.56
C SER B 65 17.61 27.09 13.04
N VAL B 66 16.73 26.28 12.45
CA VAL B 66 16.63 26.21 11.00
C VAL B 66 15.35 26.84 10.46
N ILE B 67 14.42 27.24 11.33
CA ILE B 67 13.23 28.00 10.92
C ILE B 67 13.68 29.31 10.28
N PRO B 68 13.36 29.58 9.01
CA PRO B 68 13.76 30.87 8.42
C PRO B 68 13.24 32.02 9.27
N SER B 69 14.11 33.02 9.47
CA SER B 69 13.74 34.11 10.38
C SER B 69 12.52 34.84 9.84
N GLY B 70 11.57 35.12 10.75
CA GLY B 70 10.32 35.74 10.39
C GLY B 70 9.19 34.78 10.06
N VAL B 71 9.49 33.50 9.86
CA VAL B 71 8.48 32.49 9.54
C VAL B 71 7.92 31.92 10.84
N GLU B 72 6.60 31.90 10.96
CA GLU B 72 5.94 31.42 12.17
C GLU B 72 6.14 29.92 12.33
N TRP B 73 6.70 29.48 13.46
CA TRP B 73 6.80 28.05 13.78
C TRP B 73 5.62 27.67 14.67
N ILE B 74 4.72 26.86 14.14
CA ILE B 74 3.56 26.39 14.90
C ILE B 74 3.92 25.01 15.44
N LYS B 75 4.30 24.97 16.71
CA LYS B 75 4.78 23.74 17.36
C LYS B 75 3.57 22.86 17.70
N ALA B 76 3.18 22.00 16.78
CA ALA B 76 2.01 21.16 16.95
C ALA B 76 2.04 20.08 15.88
N ARG B 77 1.11 19.13 15.99
CA ARG B 77 0.92 18.08 15.01
C ARG B 77 -0.33 18.34 14.20
N VAL B 78 -0.22 18.16 12.88
CA VAL B 78 -1.41 18.14 12.03
C VAL B 78 -2.25 16.91 12.36
N THR B 79 -3.57 17.11 12.51
CA THR B 79 -4.49 16.03 12.84
C THR B 79 -5.59 15.83 11.82
N GLU B 80 -5.81 16.79 10.92
CA GLU B 80 -6.82 16.67 9.87
C GLU B 80 -6.49 17.65 8.76
N LEU B 81 -6.73 17.24 7.52
CA LEU B 81 -6.62 18.13 6.38
C LEU B 81 -7.97 18.23 5.71
N ASN B 82 -8.44 19.45 5.52
CA ASN B 82 -9.73 19.71 4.87
C ASN B 82 -9.49 20.62 3.66
N PRO B 83 -8.91 20.09 2.59
CA PRO B 83 -8.54 20.96 1.45
C PRO B 83 -9.74 21.62 0.76
N ASP B 84 -10.95 21.07 0.92
CA ASP B 84 -12.09 21.72 0.29
C ASP B 84 -12.46 23.00 1.00
N LYS B 85 -12.00 23.20 2.23
CA LYS B 85 -12.20 24.43 2.96
C LYS B 85 -10.88 25.17 3.18
N ASN B 86 -9.83 24.76 2.47
CA ASN B 86 -8.49 25.35 2.56
C ASN B 86 -8.04 25.50 4.01
N CYS B 87 -8.16 24.42 4.78
CA CYS B 87 -7.69 24.50 6.15
C CYS B 87 -7.21 23.14 6.63
N ILE B 88 -6.47 23.16 7.74
CA ILE B 88 -6.00 21.98 8.44
C ILE B 88 -6.32 22.17 9.92
N HIS B 89 -6.24 21.09 10.68
CA HIS B 89 -6.42 21.15 12.13
C HIS B 89 -5.20 20.54 12.81
N THR B 90 -4.92 21.02 14.02
CA THR B 90 -3.75 20.62 14.78
C THR B 90 -4.17 20.07 16.14
N ASP B 91 -3.21 19.46 16.84
CA ASP B 91 -3.51 18.79 18.09
C ASP B 91 -3.63 19.72 19.30
N ASP B 92 -3.34 21.01 19.16
CA ASP B 92 -3.85 21.95 20.16
C ASP B 92 -5.14 22.61 19.68
N ASP B 93 -5.94 21.88 18.90
CA ASP B 93 -7.35 22.19 18.65
C ASP B 93 -7.53 23.52 17.92
N GLU B 94 -6.60 23.87 17.04
CA GLU B 94 -6.75 25.06 16.26
C GLU B 94 -7.02 24.73 14.81
N LYS B 95 -7.71 25.65 14.15
CA LYS B 95 -7.94 25.62 12.72
C LYS B 95 -7.00 26.63 12.08
N ILE B 96 -6.24 26.20 11.08
CA ILE B 96 -5.38 27.10 10.32
C ILE B 96 -5.78 27.04 8.85
N SER B 97 -6.01 28.19 8.25
CA SER B 97 -6.38 28.25 6.84
C SER B 97 -5.20 28.78 6.04
N TYR B 98 -5.26 28.56 4.73
CA TYR B 98 -4.14 28.85 3.86
C TYR B 98 -4.67 29.25 2.50
N ARG B 99 -3.84 29.97 1.76
CA ARG B 99 -4.06 30.14 0.34
C ARG B 99 -3.38 29.03 -0.46
N TYR B 100 -2.14 28.69 -0.11
CA TYR B 100 -1.40 27.57 -0.69
C TYR B 100 -0.89 26.68 0.42
N LEU B 101 -0.84 25.38 0.15
CA LEU B 101 -0.45 24.40 1.15
C LEU B 101 0.66 23.54 0.57
N ILE B 102 1.76 23.44 1.32
CA ILE B 102 2.87 22.57 0.93
C ILE B 102 2.97 21.46 1.97
N ILE B 103 2.80 20.21 1.53
CA ILE B 103 2.79 19.05 2.43
C ILE B 103 4.15 18.37 2.36
N ALA B 104 4.87 18.35 3.49
CA ALA B 104 6.19 17.76 3.59
C ALA B 104 6.28 16.96 4.90
N LEU B 105 5.39 16.00 5.07
CA LEU B 105 5.23 15.32 6.35
C LEU B 105 6.09 14.07 6.49
N GLY B 106 6.94 13.78 5.50
CA GLY B 106 7.86 12.66 5.59
C GLY B 106 7.20 11.30 5.45
N ILE B 107 7.93 10.28 5.87
CA ILE B 107 7.44 8.90 5.93
C ILE B 107 7.37 8.49 7.40
N GLN B 108 6.50 7.54 7.70
CA GLN B 108 6.29 7.12 9.08
C GLN B 108 6.96 5.77 9.35
N LEU B 109 7.70 5.68 10.46
CA LEU B 109 8.32 4.43 10.89
C LEU B 109 7.31 3.60 11.67
N ASP B 110 7.21 2.30 11.35
CA ASP B 110 6.22 1.45 12.01
C ASP B 110 6.84 0.22 12.68
N TYR B 111 7.77 0.44 13.61
CA TYR B 111 8.45 -0.68 14.27
C TYR B 111 7.46 -1.65 14.90
N GLU B 112 6.37 -1.14 15.47
CA GLU B 112 5.47 -2.03 16.23
C GLU B 112 4.70 -2.99 15.33
N LYS B 113 4.77 -2.86 14.01
CA LYS B 113 4.19 -3.91 13.16
C LYS B 113 5.08 -5.15 13.11
N ILE B 114 6.30 -5.07 13.65
CA ILE B 114 7.12 -6.26 13.88
C ILE B 114 6.84 -6.68 15.31
N LYS B 115 6.23 -7.85 15.48
CA LYS B 115 5.97 -8.34 16.83
C LYS B 115 7.25 -8.39 17.65
N GLY B 116 7.17 -7.92 18.89
CA GLY B 116 8.34 -7.82 19.75
C GLY B 116 9.06 -6.48 19.70
N LEU B 117 8.70 -5.60 18.78
CA LEU B 117 9.28 -4.26 18.69
C LEU B 117 8.22 -3.21 19.07
N PRO B 118 8.62 -2.07 19.64
CA PRO B 118 9.99 -1.63 19.94
C PRO B 118 10.58 -2.08 21.29
N GLU B 119 9.79 -2.82 22.08
CA GLU B 119 10.29 -3.27 23.38
C GLU B 119 11.55 -4.10 23.26
N GLY B 120 11.72 -4.83 22.15
CA GLY B 120 12.95 -5.59 21.96
C GLY B 120 14.22 -4.75 21.91
N PHE B 121 14.10 -3.46 21.64
CA PHE B 121 15.27 -2.59 21.61
C PHE B 121 15.85 -2.33 22.98
N ALA B 122 15.12 -2.65 24.05
CA ALA B 122 15.69 -2.52 25.40
C ALA B 122 16.70 -3.61 25.70
N HIS B 123 16.86 -4.60 24.80
CA HIS B 123 17.82 -5.68 24.96
C HIS B 123 19.04 -5.44 24.10
N PRO B 124 20.17 -6.06 24.43
CA PRO B 124 21.37 -5.88 23.60
C PRO B 124 21.22 -6.59 22.26
N LYS B 125 22.20 -6.33 21.39
CA LYS B 125 22.46 -7.00 20.13
C LYS B 125 21.50 -6.61 18.99
N ILE B 126 20.66 -5.59 19.17
CA ILE B 126 19.71 -5.19 18.13
C ILE B 126 19.68 -3.67 18.03
N GLY B 127 19.75 -3.16 16.80
CA GLY B 127 19.72 -1.73 16.59
C GLY B 127 18.98 -1.40 15.30
N SER B 128 18.83 -0.11 15.03
CA SER B 128 18.24 0.36 13.79
C SER B 128 18.73 1.77 13.50
N ASN B 129 19.33 1.98 12.32
CA ASN B 129 19.81 3.32 11.97
C ASN B 129 18.70 4.29 11.64
N TYR B 130 17.45 3.83 11.63
CA TYR B 130 16.35 4.66 11.14
C TYR B 130 15.73 5.53 12.22
N SER B 131 16.17 5.41 13.46
CA SER B 131 15.54 6.15 14.54
C SER B 131 16.61 6.69 15.49
N VAL B 132 16.40 7.93 15.94
CA VAL B 132 17.31 8.54 16.90
C VAL B 132 17.42 7.71 18.17
N LYS B 133 16.36 6.95 18.50
CA LYS B 133 16.35 6.14 19.72
C LYS B 133 17.12 4.83 19.58
N THR B 134 17.49 4.44 18.37
CA THR B 134 18.07 3.12 18.14
C THR B 134 19.36 3.13 17.33
N VAL B 135 19.73 4.26 16.71
CA VAL B 135 20.91 4.24 15.84
C VAL B 135 22.20 3.99 16.64
N GLU B 136 22.33 4.61 17.81
CA GLU B 136 23.47 4.28 18.66
C GLU B 136 23.43 2.85 19.16
N LYS B 137 22.26 2.19 19.16
CA LYS B 137 22.25 0.78 19.55
C LYS B 137 22.73 -0.11 18.42
N THR B 138 22.62 0.35 17.18
CA THR B 138 23.34 -0.32 16.10
C THR B 138 24.82 -0.38 16.42
N TRP B 139 25.39 0.76 16.83
CA TRP B 139 26.82 0.86 17.03
C TRP B 139 27.26 0.03 18.22
N LYS B 140 26.50 0.08 19.33
CA LYS B 140 26.77 -0.77 20.48
C LYS B 140 26.72 -2.24 20.09
N ALA B 141 25.74 -2.63 19.27
CA ALA B 141 25.62 -4.02 18.86
C ALA B 141 26.82 -4.42 18.02
N LEU B 142 27.29 -3.51 17.17
CA LEU B 142 28.42 -3.80 16.30
C LEU B 142 29.68 -4.03 17.13
N GLN B 143 29.84 -3.26 18.21
CA GLN B 143 31.06 -3.32 19.02
C GLN B 143 31.11 -4.57 19.87
N ASP B 144 29.96 -4.98 20.43
CA ASP B 144 29.90 -6.08 21.37
C ASP B 144 29.78 -7.44 20.70
N PHE B 145 29.53 -7.45 19.39
CA PHE B 145 29.47 -8.69 18.62
C PHE B 145 30.71 -9.53 18.86
N LYS B 146 30.52 -10.81 19.18
CA LYS B 146 31.61 -11.76 19.31
C LYS B 146 31.57 -12.81 18.21
N GLU B 147 30.47 -13.54 18.09
CA GLU B 147 30.40 -14.61 17.10
C GLU B 147 28.95 -14.95 16.81
N GLY B 148 28.65 -15.21 15.53
CA GLY B 148 27.36 -15.69 15.10
C GLY B 148 26.89 -14.98 13.84
N ASN B 149 25.56 -14.98 13.67
CA ASN B 149 24.93 -14.30 12.56
C ASN B 149 24.81 -12.80 12.81
N ALA B 150 25.14 -12.02 11.80
CA ALA B 150 24.88 -10.58 11.79
C ALA B 150 23.85 -10.37 10.69
N ILE B 151 22.65 -9.94 11.07
CA ILE B 151 21.48 -9.99 10.20
C ILE B 151 21.04 -8.58 9.90
N PHE B 152 20.82 -8.30 8.62
CA PHE B 152 20.37 -7.00 8.15
C PHE B 152 19.11 -7.19 7.35
N THR B 153 18.06 -6.44 7.69
CA THR B 153 16.73 -6.68 7.14
C THR B 153 16.28 -5.52 6.26
N PHE B 154 15.27 -5.82 5.44
CA PHE B 154 14.61 -4.89 4.53
C PHE B 154 13.14 -5.24 4.52
N PRO B 155 12.25 -4.32 4.85
CA PRO B 155 10.83 -4.65 5.03
C PRO B 155 10.11 -4.79 3.70
N ASN B 156 8.83 -5.14 3.78
CA ASN B 156 7.94 -5.34 2.64
C ASN B 156 7.05 -4.13 2.39
N THR B 157 7.56 -2.92 2.58
CA THR B 157 6.85 -1.67 2.36
C THR B 157 7.76 -0.74 1.59
N PRO B 158 7.27 0.41 1.15
CA PRO B 158 8.20 1.44 0.67
C PRO B 158 9.07 1.89 1.84
N VAL B 159 10.20 2.50 1.50
CA VAL B 159 11.17 2.93 2.50
C VAL B 159 11.76 4.25 2.02
N LYS B 160 12.39 4.97 2.95
CA LYS B 160 13.28 6.06 2.58
C LYS B 160 14.73 5.57 2.60
N CSS B 161 15.54 6.11 1.71
CA CSS B 161 16.89 5.64 1.48
CB CSS B 161 17.91 6.15 2.51
SG CSS B 161 19.57 5.92 2.02
SD CSS B 161 19.80 7.06 0.26
C CSS B 161 16.97 4.10 1.47
O CSS B 161 17.39 3.41 2.38
N ALA B 162 16.53 3.56 0.34
CA ALA B 162 16.53 2.12 0.08
C ALA B 162 17.90 1.46 0.22
N GLY B 163 18.97 2.25 0.07
CA GLY B 163 20.32 1.72 0.19
C GLY B 163 20.83 1.63 1.60
N ALA B 164 20.31 2.46 2.51
CA ALA B 164 20.82 2.45 3.88
C ALA B 164 20.70 1.09 4.58
N PRO B 165 19.70 0.25 4.31
CA PRO B 165 19.68 -1.07 4.98
C PRO B 165 20.90 -1.91 4.69
N GLN B 166 21.53 -1.77 3.51
CA GLN B 166 22.72 -2.52 3.18
C GLN B 166 24.03 -1.74 3.37
N LYS B 167 23.98 -0.40 3.33
CA LYS B 167 25.14 0.41 3.70
C LYS B 167 25.73 -0.03 5.03
N ILE B 168 24.88 -0.25 6.04
CA ILE B 168 25.36 -0.57 7.37
C ILE B 168 25.87 -2.00 7.42
N MET B 169 25.41 -2.85 6.50
CA MET B 169 26.00 -4.19 6.39
C MET B 169 27.42 -4.11 5.85
N TYR B 170 27.67 -3.29 4.82
CA TYR B 170 29.03 -3.19 4.31
C TYR B 170 29.97 -2.61 5.36
N LEU B 171 29.51 -1.61 6.10
CA LEU B 171 30.32 -1.02 7.16
C LEU B 171 30.61 -2.02 8.27
N SER B 172 29.58 -2.80 8.66
CA SER B 172 29.79 -3.84 9.66
C SER B 172 30.77 -4.91 9.18
N GLU B 173 30.66 -5.32 7.91
CA GLU B 173 31.63 -6.25 7.34
C GLU B 173 33.04 -5.69 7.49
N ALA B 174 33.22 -4.40 7.16
CA ALA B 174 34.53 -3.77 7.30
C ALA B 174 34.94 -3.66 8.76
N TYR B 175 33.99 -3.32 9.65
CA TYR B 175 34.34 -3.23 11.06
C TYR B 175 34.79 -4.58 11.61
N PHE B 176 34.24 -5.68 11.09
CA PHE B 176 34.59 -7.01 11.61
C PHE B 176 36.01 -7.39 11.19
N ARG B 177 36.40 -7.09 9.95
CA ARG B 177 37.77 -7.36 9.51
C ARG B 177 38.77 -6.54 10.32
N LYS B 178 38.55 -5.23 10.40
CA LYS B 178 39.51 -4.37 11.08
C LYS B 178 39.61 -4.64 12.58
N THR B 179 38.71 -5.44 13.16
CA THR B 179 38.84 -5.87 14.55
C THR B 179 39.04 -7.38 14.70
N GLY B 180 39.42 -8.09 13.64
CA GLY B 180 39.83 -9.47 13.74
C GLY B 180 38.74 -10.53 13.73
N LYS B 181 37.48 -10.14 13.98
CA LYS B 181 36.42 -11.13 14.13
C LYS B 181 35.62 -11.37 12.84
N ARG B 182 36.22 -11.13 11.66
CA ARG B 182 35.48 -11.37 10.42
C ARG B 182 35.08 -12.83 10.26
N SER B 183 36.01 -13.75 10.55
CA SER B 183 35.74 -15.18 10.43
C SER B 183 34.69 -15.66 11.43
N LYS B 184 34.40 -14.86 12.46
CA LYS B 184 33.40 -15.19 13.47
C LYS B 184 32.02 -14.65 13.12
N ALA B 185 31.87 -13.96 11.99
CA ALA B 185 30.63 -13.31 11.64
C ALA B 185 30.04 -13.97 10.38
N ASN B 186 28.79 -14.42 10.48
CA ASN B 186 28.05 -14.87 9.31
C ASN B 186 27.06 -13.77 8.92
N ILE B 187 27.43 -12.98 7.92
CA ILE B 187 26.72 -11.74 7.61
C ILE B 187 25.68 -12.01 6.53
N ILE B 188 24.42 -11.74 6.84
CA ILE B 188 23.34 -12.03 5.91
C ILE B 188 22.45 -10.81 5.77
N PHE B 189 21.94 -10.62 4.56
CA PHE B 189 21.00 -9.55 4.23
C PHE B 189 19.69 -10.25 3.85
N ASN B 190 18.68 -10.11 4.69
CA ASN B 190 17.38 -10.76 4.50
C ASN B 190 16.40 -9.67 4.06
N THR B 191 16.09 -9.65 2.78
CA THR B 191 15.33 -8.57 2.18
C THR B 191 14.04 -9.12 1.59
N SER B 192 12.99 -8.28 1.63
CA SER B 192 11.71 -8.67 1.05
C SER B 192 11.72 -8.64 -0.46
N LEU B 193 12.63 -7.88 -1.04
CA LEU B 193 12.72 -7.68 -2.48
C LEU B 193 13.39 -8.87 -3.17
N GLY B 194 13.36 -8.85 -4.49
CA GLY B 194 13.99 -9.85 -5.33
C GLY B 194 15.31 -9.44 -5.93
N ALA B 195 15.79 -8.22 -5.68
CA ALA B 195 17.06 -7.74 -6.20
C ALA B 195 17.77 -6.93 -5.12
N ILE B 196 19.09 -6.78 -5.28
CA ILE B 196 19.91 -6.05 -4.31
C ILE B 196 19.71 -4.54 -4.45
N PHE B 197 19.36 -4.05 -5.64
CA PHE B 197 19.17 -2.63 -5.89
C PHE B 197 18.40 -2.51 -7.20
N GLY B 198 17.67 -1.40 -7.37
CA GLY B 198 16.76 -1.27 -8.50
C GLY B 198 17.39 -0.82 -9.81
N VAL B 199 18.61 -0.30 -9.77
CA VAL B 199 19.26 0.26 -10.94
C VAL B 199 20.44 -0.63 -11.31
N LYS B 200 20.40 -1.19 -12.52
CA LYS B 200 21.27 -2.33 -12.87
C LYS B 200 22.74 -2.00 -12.71
N LYS B 201 23.16 -0.80 -13.14
CA LYS B 201 24.58 -0.46 -13.07
C LYS B 201 25.11 -0.61 -11.64
N TYR B 202 24.38 -0.06 -10.67
CA TYR B 202 24.84 -0.13 -9.29
C TYR B 202 24.56 -1.49 -8.66
N ALA B 203 23.45 -2.13 -9.03
CA ALA B 203 23.19 -3.48 -8.55
C ALA B 203 24.36 -4.41 -8.87
N ASP B 204 24.81 -4.41 -10.13
CA ASP B 204 25.93 -5.26 -10.53
C ASP B 204 27.20 -4.94 -9.75
N ALA B 205 27.47 -3.65 -9.52
CA ALA B 205 28.65 -3.29 -8.75
C ALA B 205 28.53 -3.79 -7.30
N LEU B 206 27.34 -3.65 -6.71
CA LEU B 206 27.16 -4.18 -5.36
C LEU B 206 27.26 -5.69 -5.35
N GLN B 207 26.81 -6.34 -6.43
CA GLN B 207 26.83 -7.79 -6.49
C GLN B 207 28.25 -8.35 -6.39
N GLU B 208 29.22 -7.72 -7.05
CA GLU B 208 30.58 -8.23 -6.92
C GLU B 208 31.17 -7.94 -5.54
N ILE B 209 30.82 -6.80 -4.94
CA ILE B 209 31.18 -6.60 -3.53
C ILE B 209 30.60 -7.73 -2.69
N ILE B 210 29.35 -8.10 -2.96
CA ILE B 210 28.71 -9.19 -2.24
C ILE B 210 29.50 -10.48 -2.40
N GLN B 211 29.82 -10.84 -3.64
CA GLN B 211 30.60 -12.04 -3.87
C GLN B 211 31.97 -11.94 -3.21
N GLU B 212 32.70 -10.87 -3.50
CA GLU B 212 34.10 -10.80 -3.06
C GLU B 212 34.25 -10.70 -1.56
N ARG B 213 33.23 -10.22 -0.84
CA ARG B 213 33.33 -10.10 0.61
C ARG B 213 32.53 -11.18 1.34
N ASN B 214 32.03 -12.17 0.61
CA ASN B 214 31.35 -13.32 1.21
C ASN B 214 30.16 -12.90 2.07
N LEU B 215 29.29 -12.08 1.48
CA LEU B 215 28.02 -11.71 2.09
C LEU B 215 26.91 -12.59 1.52
N THR B 216 25.93 -12.94 2.34
CA THR B 216 24.80 -13.73 1.91
C THR B 216 23.57 -12.83 1.77
N VAL B 217 22.92 -12.89 0.61
CA VAL B 217 21.67 -12.18 0.38
C VAL B 217 20.55 -13.21 0.24
N ASN B 218 19.52 -13.08 1.06
CA ASN B 218 18.38 -13.98 1.02
C ASN B 218 17.15 -13.20 0.56
N TYR B 219 16.74 -13.44 -0.68
CA TYR B 219 15.65 -12.68 -1.27
C TYR B 219 14.30 -13.17 -0.76
N LYS B 220 13.31 -12.27 -0.81
CA LYS B 220 11.92 -12.59 -0.44
C LYS B 220 11.81 -13.16 0.97
N LYS B 221 12.62 -12.62 1.89
CA LYS B 221 12.56 -12.98 3.31
C LYS B 221 12.31 -11.70 4.10
N ASN B 222 11.15 -11.64 4.77
CA ASN B 222 10.73 -10.42 5.46
C ASN B 222 10.66 -10.68 6.96
N LEU B 223 11.25 -9.78 7.74
CA LEU B 223 11.27 -9.97 9.20
C LEU B 223 9.89 -9.69 9.74
N ILE B 224 9.34 -10.62 10.52
CA ILE B 224 8.00 -10.42 11.09
C ILE B 224 7.98 -10.49 12.61
N GLU B 225 9.00 -11.04 13.27
CA GLU B 225 8.98 -11.06 14.73
C GLU B 225 10.40 -11.04 15.26
N VAL B 226 10.59 -10.33 16.36
CA VAL B 226 11.86 -10.32 17.08
C VAL B 226 11.61 -10.85 18.48
N ARG B 227 12.39 -11.85 18.88
CA ARG B 227 12.32 -12.41 20.24
C ARG B 227 13.62 -11.98 20.91
N ALA B 228 13.60 -10.75 21.45
CA ALA B 228 14.84 -10.07 21.80
C ALA B 228 15.58 -10.75 22.95
N ASP B 229 14.85 -11.27 23.95
CA ASP B 229 15.55 -11.93 25.05
C ASP B 229 16.17 -13.26 24.62
N LYS B 230 15.65 -13.89 23.56
CA LYS B 230 16.23 -15.13 23.08
C LYS B 230 17.14 -14.92 21.89
N GLN B 231 17.29 -13.68 21.42
CA GLN B 231 18.16 -13.37 20.28
C GLN B 231 17.73 -14.18 19.05
N GLU B 232 16.44 -14.16 18.76
CA GLU B 232 15.95 -14.84 17.57
C GLU B 232 15.09 -13.90 16.74
N ALA B 233 15.23 -14.03 15.43
CA ALA B 233 14.48 -13.24 14.46
C ALA B 233 13.64 -14.19 13.62
N VAL B 234 12.35 -13.89 13.47
CA VAL B 234 11.47 -14.72 12.66
C VAL B 234 11.27 -14.04 11.31
N PHE B 235 11.49 -14.80 10.24
CA PHE B 235 11.28 -14.31 8.89
C PHE B 235 10.15 -15.12 8.25
N GLU B 236 9.29 -14.42 7.52
CA GLU B 236 8.34 -15.08 6.65
C GLU B 236 8.96 -15.19 5.26
N ASN B 237 8.65 -16.30 4.58
CA ASN B 237 9.08 -16.49 3.20
C ASN B 237 7.96 -15.98 2.31
N LEU B 238 8.19 -14.85 1.65
CA LEU B 238 7.16 -14.21 0.83
C LEU B 238 6.81 -15.00 -0.41
N ASP B 239 7.63 -16.00 -0.80
CA ASP B 239 7.32 -16.87 -1.93
C ASP B 239 6.47 -18.08 -1.54
N LYS B 240 6.44 -18.45 -0.26
CA LYS B 240 5.73 -19.62 0.22
C LYS B 240 4.90 -19.17 1.41
N PRO B 241 3.68 -18.68 1.17
CA PRO B 241 2.86 -18.17 2.27
C PRO B 241 2.67 -19.22 3.36
N GLY B 242 2.89 -18.80 4.60
CA GLY B 242 2.79 -19.70 5.74
C GLY B 242 4.12 -20.27 6.19
N GLU B 243 5.14 -20.23 5.35
CA GLU B 243 6.46 -20.72 5.71
C GLU B 243 7.27 -19.62 6.41
N THR B 244 7.97 -20.01 7.49
CA THR B 244 8.80 -19.08 8.21
C THR B 244 10.18 -19.69 8.43
N GLN B 245 11.06 -18.90 9.05
CA GLN B 245 12.38 -19.34 9.46
C GLN B 245 12.76 -18.58 10.71
N VAL B 246 13.04 -19.31 11.79
CA VAL B 246 13.56 -18.69 13.02
C VAL B 246 15.08 -18.82 12.99
N ILE B 247 15.76 -17.68 13.11
CA ILE B 247 17.22 -17.59 12.98
C ILE B 247 17.76 -16.92 14.24
N SER B 248 18.82 -17.49 14.81
CA SER B 248 19.53 -16.81 15.89
C SER B 248 20.42 -15.70 15.33
N TYR B 249 20.57 -14.63 16.11
CA TYR B 249 21.48 -13.57 15.70
C TYR B 249 22.41 -13.18 16.85
N GLU B 250 23.62 -12.78 16.49
CA GLU B 250 24.53 -12.09 17.40
C GLU B 250 24.47 -10.58 17.23
N MET B 251 24.02 -10.10 16.07
CA MET B 251 23.70 -8.70 15.83
C MET B 251 22.56 -8.66 14.83
N LEU B 252 21.56 -7.82 15.09
CA LEU B 252 20.42 -7.64 14.19
C LEU B 252 20.23 -6.15 13.93
N HIS B 253 20.24 -5.77 12.65
CA HIS B 253 19.91 -4.41 12.27
C HIS B 253 18.54 -4.41 11.58
N VAL B 254 17.56 -3.76 12.21
CA VAL B 254 16.17 -3.75 11.77
C VAL B 254 15.92 -2.52 10.89
N THR B 255 15.50 -2.74 9.65
CA THR B 255 14.93 -1.66 8.86
C THR B 255 13.42 -1.73 9.02
N PRO B 256 12.78 -0.77 9.67
CA PRO B 256 11.38 -0.94 10.04
C PRO B 256 10.46 -0.89 8.82
N PRO B 257 9.30 -1.54 8.90
CA PRO B 257 8.21 -1.21 7.97
C PRO B 257 7.91 0.27 8.01
N MET B 258 7.50 0.82 6.86
CA MET B 258 7.23 2.24 6.78
C MET B 258 5.94 2.45 5.99
N SER B 259 5.33 3.62 6.17
CA SER B 259 4.02 3.90 5.61
C SER B 259 3.82 5.42 5.58
N PRO B 260 2.81 5.91 4.86
CA PRO B 260 2.52 7.35 4.92
C PRO B 260 2.17 7.74 6.33
N PRO B 261 2.53 8.97 6.76
CA PRO B 261 2.06 9.50 8.05
C PRO B 261 0.57 9.26 8.27
N ASP B 262 0.19 8.85 9.49
CA ASP B 262 -1.18 8.44 9.77
C ASP B 262 -2.20 9.48 9.35
N VAL B 263 -1.92 10.75 9.61
CA VAL B 263 -2.88 11.80 9.29
C VAL B 263 -3.13 11.87 7.78
N LEU B 264 -2.15 11.45 6.97
CA LEU B 264 -2.34 11.43 5.52
C LEU B 264 -3.10 10.20 5.03
N LYS B 265 -3.05 9.08 5.78
CA LYS B 265 -3.60 7.80 5.31
C LYS B 265 -5.07 7.93 4.88
N THR B 266 -5.89 8.60 5.70
CA THR B 266 -7.33 8.70 5.49
C THR B 266 -7.75 10.05 4.90
N SER B 267 -6.79 10.90 4.56
CA SER B 267 -7.03 12.29 4.19
C SER B 267 -7.48 12.42 2.71
N PRO B 268 -8.31 13.42 2.40
CA PRO B 268 -8.65 13.67 0.98
C PRO B 268 -7.44 13.97 0.08
N VAL B 269 -6.32 14.47 0.63
CA VAL B 269 -5.20 14.79 -0.23
C VAL B 269 -4.41 13.57 -0.67
N ALA B 270 -4.70 12.40 -0.11
CA ALA B 270 -3.93 11.21 -0.44
C ALA B 270 -4.53 10.47 -1.61
N ASP B 271 -3.69 9.65 -2.26
CA ASP B 271 -4.20 8.67 -3.21
C ASP B 271 -4.69 7.46 -2.40
N ALA B 272 -5.07 6.39 -3.09
CA ALA B 272 -5.68 5.27 -2.39
C ALA B 272 -4.73 4.62 -1.39
N ALA B 273 -3.42 4.76 -1.61
CA ALA B 273 -2.40 4.15 -0.76
C ALA B 273 -2.01 5.03 0.43
N GLY B 274 -2.49 6.28 0.49
CA GLY B 274 -2.20 7.17 1.59
C GLY B 274 -1.10 8.20 1.34
N TRP B 275 -0.45 8.17 0.18
CA TRP B 275 0.56 9.16 -0.17
C TRP B 275 -0.09 10.41 -0.77
N VAL B 276 0.57 11.56 -0.60
CA VAL B 276 0.03 12.78 -1.18
C VAL B 276 0.07 12.66 -2.69
N ASP B 277 -1.08 12.88 -3.32
CA ASP B 277 -1.35 12.56 -4.71
C ASP B 277 -1.03 13.78 -5.56
N VAL B 278 0.21 13.86 -6.07
CA VAL B 278 0.69 15.04 -6.78
C VAL B 278 1.04 14.67 -8.22
N ASP B 279 0.97 15.67 -9.10
CA ASP B 279 1.45 15.54 -10.46
C ASP B 279 2.94 15.17 -10.46
N LYS B 280 3.28 14.16 -11.24
CA LYS B 280 4.62 13.57 -11.21
C LYS B 280 5.70 14.53 -11.69
N GLU B 281 5.36 15.52 -12.51
CA GLU B 281 6.36 16.47 -13.01
C GLU B 281 6.34 17.83 -12.33
N THR B 282 5.18 18.33 -11.91
CA THR B 282 5.08 19.67 -11.36
C THR B 282 4.97 19.70 -9.83
N LEU B 283 4.56 18.59 -9.22
CA LEU B 283 4.34 18.44 -7.79
C LEU B 283 3.12 19.20 -7.31
N GLN B 284 2.30 19.72 -8.22
CA GLN B 284 1.01 20.27 -7.83
C GLN B 284 0.03 19.12 -7.61
N HIS B 285 -0.78 19.24 -6.56
CA HIS B 285 -1.74 18.18 -6.27
C HIS B 285 -2.68 17.95 -7.46
N ARG B 286 -3.02 16.68 -7.68
CA ARG B 286 -3.84 16.31 -8.83
C ARG B 286 -5.26 16.90 -8.75
N ARG B 287 -5.81 17.04 -7.53
CA ARG B 287 -7.23 17.35 -7.36
C ARG B 287 -7.51 18.66 -6.64
N TYR B 288 -6.55 19.22 -5.93
CA TYR B 288 -6.70 20.49 -5.22
C TYR B 288 -5.60 21.42 -5.73
N PRO B 289 -5.91 22.33 -6.67
CA PRO B 289 -4.83 23.06 -7.36
C PRO B 289 -4.02 23.97 -6.46
N ASN B 290 -4.46 24.25 -5.23
CA ASN B 290 -3.65 25.06 -4.35
C ASN B 290 -2.90 24.22 -3.33
N VAL B 291 -2.79 22.91 -3.55
CA VAL B 291 -2.04 21.99 -2.69
C VAL B 291 -0.83 21.47 -3.45
N PHE B 292 0.29 21.31 -2.74
CA PHE B 292 1.54 20.80 -3.30
C PHE B 292 2.18 19.84 -2.30
N GLY B 293 3.04 18.96 -2.80
CA GLY B 293 3.72 18.00 -1.94
C GLY B 293 5.17 17.86 -2.34
N ILE B 294 6.00 17.53 -1.35
CA ILE B 294 7.42 17.30 -1.58
C ILE B 294 7.92 16.20 -0.65
N GLY B 295 8.84 15.39 -1.13
CA GLY B 295 9.56 14.48 -0.26
C GLY B 295 8.87 13.14 -0.05
N ASP B 296 9.23 12.49 1.07
CA ASP B 296 8.86 11.10 1.28
C ASP B 296 7.35 10.88 1.32
N CYS B 297 6.56 11.91 1.70
CA CYS B 297 5.12 11.75 1.90
C CYS B 297 4.36 11.72 0.59
N THR B 298 5.01 12.07 -0.52
CA THR B 298 4.36 12.11 -1.82
C THR B 298 4.33 10.73 -2.46
N ASN B 299 3.56 10.63 -3.56
CA ASN B 299 3.56 9.42 -4.37
C ASN B 299 4.44 9.56 -5.61
N LEU B 300 5.43 10.45 -5.59
CA LEU B 300 6.37 10.57 -6.70
C LEU B 300 7.13 9.25 -6.85
N PRO B 301 7.01 8.57 -7.99
CA PRO B 301 7.55 7.20 -8.12
C PRO B 301 9.06 7.18 -8.38
N THR B 302 9.81 7.70 -7.40
CA THR B 302 11.27 7.67 -7.41
C THR B 302 11.72 7.40 -5.98
N SER B 303 13.01 7.15 -5.82
CA SER B 303 13.55 6.79 -4.51
C SER B 303 13.39 7.96 -3.54
N LYS B 304 13.01 7.64 -2.31
CA LYS B 304 12.69 8.65 -1.30
C LYS B 304 13.99 9.08 -0.62
N THR B 305 14.57 10.19 -1.06
CA THR B 305 15.86 10.63 -0.52
C THR B 305 15.84 12.13 -0.31
N ALA B 306 16.80 12.59 0.48
CA ALA B 306 16.99 14.04 0.64
C ALA B 306 17.47 14.66 -0.67
N ALA B 307 18.30 13.94 -1.42
CA ALA B 307 18.71 14.42 -2.75
C ALA B 307 17.49 14.58 -3.66
N ALA B 308 16.55 13.64 -3.63
CA ALA B 308 15.31 13.86 -4.37
C ALA B 308 14.59 15.11 -3.87
N VAL B 309 14.57 15.32 -2.55
CA VAL B 309 13.91 16.51 -2.02
C VAL B 309 14.55 17.77 -2.59
N ALA B 310 15.89 17.81 -2.62
CA ALA B 310 16.59 18.97 -3.16
C ALA B 310 16.17 19.23 -4.60
N ALA B 311 16.23 18.21 -5.45
CA ALA B 311 15.83 18.40 -6.83
C ALA B 311 14.35 18.78 -6.92
N GLN B 312 13.51 18.20 -6.06
CA GLN B 312 12.08 18.52 -6.09
C GLN B 312 11.84 19.97 -5.67
N SER B 313 12.61 20.47 -4.72
CA SER B 313 12.38 21.81 -4.20
C SER B 313 12.61 22.88 -5.27
N GLY B 314 13.55 22.65 -6.18
CA GLY B 314 13.75 23.61 -7.27
C GLY B 314 12.59 23.61 -8.23
N ILE B 315 12.04 22.43 -8.54
CA ILE B 315 10.86 22.34 -9.40
C ILE B 315 9.65 22.92 -8.70
N LEU B 316 9.39 22.49 -7.46
CA LEU B 316 8.24 23.00 -6.74
C LEU B 316 8.28 24.51 -6.63
N ASP B 317 9.47 25.07 -6.37
CA ASP B 317 9.66 26.52 -6.34
C ASP B 317 9.12 27.18 -7.61
N ARG B 318 9.53 26.67 -8.79
CA ARG B 318 9.07 27.25 -10.04
C ARG B 318 7.57 27.04 -10.21
N THR B 319 7.07 25.83 -9.92
CA THR B 319 5.65 25.54 -10.09
C THR B 319 4.78 26.53 -9.33
N ILE B 320 5.11 26.81 -8.07
CA ILE B 320 4.26 27.66 -7.25
C ILE B 320 4.37 29.11 -7.71
N SER B 321 5.58 29.55 -8.08
CA SER B 321 5.75 30.93 -8.51
C SER B 321 4.91 31.22 -9.74
N VAL B 322 4.96 30.32 -10.74
CA VAL B 322 4.23 30.57 -11.97
C VAL B 322 2.73 30.43 -11.74
N ILE B 323 2.32 29.55 -10.85
CA ILE B 323 0.89 29.48 -10.52
C ILE B 323 0.43 30.79 -9.90
N MET B 324 1.23 31.36 -8.98
CA MET B 324 0.86 32.65 -8.38
C MET B 324 0.78 33.74 -9.43
N LYS B 325 1.44 33.56 -10.57
CA LYS B 325 1.42 34.53 -11.66
C LYS B 325 0.45 34.11 -12.76
N ASN B 326 -0.48 33.18 -12.47
CA ASN B 326 -1.52 32.79 -13.43
C ASN B 326 -0.94 32.29 -14.74
N GLN B 327 0.16 31.53 -14.65
CA GLN B 327 0.78 30.87 -15.79
C GLN B 327 0.73 29.37 -15.54
N THR B 328 0.83 28.61 -16.61
CA THR B 328 0.83 27.16 -16.48
C THR B 328 2.25 26.65 -16.31
N PRO B 329 2.50 25.83 -15.30
CA PRO B 329 3.87 25.33 -15.07
C PRO B 329 4.41 24.57 -16.27
N THR B 330 5.68 24.82 -16.59
CA THR B 330 6.37 24.26 -17.75
C THR B 330 7.56 23.39 -17.40
N LYS B 331 8.34 23.72 -16.36
CA LYS B 331 9.52 22.94 -16.01
C LYS B 331 9.12 21.65 -15.28
N LYS B 332 9.66 20.54 -15.73
CA LYS B 332 9.24 19.20 -15.32
C LYS B 332 10.31 18.52 -14.47
N TYR B 333 9.88 17.97 -13.33
CA TYR B 333 10.73 17.09 -12.54
C TYR B 333 11.04 15.80 -13.31
N ASP B 334 12.30 15.38 -13.28
CA ASP B 334 12.72 14.20 -14.01
C ASP B 334 12.88 12.97 -13.12
N GLY B 335 12.50 13.06 -11.85
CA GLY B 335 12.64 11.93 -10.96
C GLY B 335 14.00 11.82 -10.31
N TYR B 336 14.88 12.80 -10.52
CA TYR B 336 16.23 12.76 -9.98
C TYR B 336 16.24 12.38 -8.52
N THR B 337 17.12 11.43 -8.18
CA THR B 337 17.39 11.02 -6.82
C THR B 337 18.82 10.51 -6.78
N SER B 338 19.35 10.40 -5.57
CA SER B 338 20.71 9.90 -5.45
C SER B 338 20.81 9.03 -4.23
N CYS B 339 21.70 8.04 -4.31
CA CYS B 339 21.95 7.10 -3.23
C CYS B 339 23.45 6.92 -2.99
N PRO B 340 24.00 7.62 -2.02
CA PRO B 340 25.43 7.47 -1.77
C PRO B 340 25.70 6.21 -0.97
N LEU B 341 25.86 5.10 -1.69
CA LEU B 341 26.03 3.79 -1.07
C LEU B 341 27.40 3.71 -0.41
N VAL B 342 27.45 3.97 0.90
CA VAL B 342 28.66 3.71 1.67
C VAL B 342 28.97 2.22 1.60
N THR B 343 30.17 1.88 1.10
CA THR B 343 30.57 0.49 0.99
C THR B 343 31.74 0.15 1.91
N GLY B 344 32.04 1.03 2.85
CA GLY B 344 33.17 0.86 3.74
C GLY B 344 33.45 2.19 4.42
N TYR B 345 34.42 2.16 5.33
CA TYR B 345 34.65 3.39 6.09
C TYR B 345 35.36 4.48 5.26
N ASN B 346 35.67 4.23 3.98
CA ASN B 346 36.24 5.28 3.16
C ASN B 346 35.88 5.16 1.68
N ARG B 347 34.80 4.45 1.34
CA ARG B 347 34.37 4.32 -0.04
C ARG B 347 32.88 4.59 -0.15
N VAL B 348 32.48 5.13 -1.30
CA VAL B 348 31.08 5.31 -1.63
C VAL B 348 30.89 5.00 -3.11
N ILE B 349 29.82 4.27 -3.43
CA ILE B 349 29.30 4.14 -4.77
C ILE B 349 28.16 5.14 -4.88
N LEU B 350 28.40 6.26 -5.58
CA LEU B 350 27.41 7.32 -5.71
C LEU B 350 26.44 6.97 -6.83
N ALA B 351 25.31 6.37 -6.46
CA ALA B 351 24.27 6.08 -7.43
C ALA B 351 23.43 7.34 -7.64
N GLU B 352 23.27 7.73 -8.90
CA GLU B 352 22.35 8.81 -9.26
C GLU B 352 21.49 8.32 -10.40
N PHE B 353 20.19 8.52 -10.31
CA PHE B 353 19.31 8.06 -11.38
C PHE B 353 18.01 8.87 -11.38
N ASP B 354 17.21 8.66 -12.42
CA ASP B 354 16.00 9.43 -12.65
C ASP B 354 14.76 8.53 -12.66
N TYR B 355 13.65 9.04 -13.17
CA TYR B 355 12.40 8.27 -13.19
C TYR B 355 12.55 6.96 -13.94
N LYS B 356 13.45 6.89 -14.91
CA LYS B 356 13.61 5.68 -15.70
C LYS B 356 14.46 4.62 -15.01
N ALA B 357 14.90 4.87 -13.78
CA ALA B 357 15.81 3.96 -13.07
C ALA B 357 17.07 3.71 -13.89
N GLU B 358 17.55 4.75 -14.55
CA GLU B 358 18.76 4.67 -15.33
C GLU B 358 19.78 5.67 -14.79
N PRO B 359 21.08 5.32 -14.80
CA PRO B 359 22.08 6.24 -14.24
C PRO B 359 22.00 7.63 -14.87
N LEU B 360 22.13 8.65 -14.01
CA LEU B 360 22.17 10.05 -14.41
C LEU B 360 23.27 10.72 -13.56
N GLU B 361 24.53 10.45 -13.89
CA GLU B 361 25.62 10.78 -12.99
C GLU B 361 26.07 12.23 -13.16
N THR B 362 26.36 12.88 -12.03
CA THR B 362 26.76 14.29 -12.04
C THR B 362 28.19 14.44 -12.55
N PHE B 363 29.08 13.62 -12.09
CA PHE B 363 30.51 13.72 -12.32
C PHE B 363 30.92 12.95 -13.58
N PRO B 364 31.99 13.38 -14.25
CA PRO B 364 32.38 12.77 -15.52
C PRO B 364 33.10 11.43 -15.40
N PHE B 365 33.33 10.91 -14.20
CA PHE B 365 33.94 9.61 -14.00
C PHE B 365 32.87 8.57 -13.65
N ASP B 366 33.30 7.30 -13.66
CA ASP B 366 32.40 6.18 -13.40
C ASP B 366 32.09 6.12 -11.92
N GLN B 367 30.84 6.40 -11.56
CA GLN B 367 30.43 6.41 -10.17
C GLN B 367 30.08 5.01 -9.64
N SER B 368 29.97 4.01 -10.52
CA SER B 368 29.73 2.65 -10.05
C SER B 368 30.95 2.03 -9.40
N LYS B 369 32.11 2.71 -9.43
CA LYS B 369 33.29 2.29 -8.71
C LYS B 369 33.24 2.81 -7.27
N GLU B 370 33.83 2.05 -6.36
CA GLU B 370 33.98 2.55 -4.99
C GLU B 370 35.01 3.67 -4.99
N ARG B 371 34.66 4.82 -4.42
CA ARG B 371 35.50 6.02 -4.47
C ARG B 371 35.62 6.67 -3.11
N LEU B 372 36.84 7.12 -2.80
CA LEU B 372 37.07 7.91 -1.58
C LEU B 372 36.56 9.34 -1.73
N SER B 373 36.69 9.94 -2.91
CA SER B 373 36.13 11.28 -3.13
C SER B 373 34.67 11.31 -2.75
N MET B 374 33.90 10.35 -3.26
CA MET B 374 32.48 10.29 -2.98
C MET B 374 32.22 10.01 -1.50
N TYR B 375 33.07 9.20 -0.85
CA TYR B 375 32.92 9.04 0.59
C TYR B 375 33.06 10.38 1.30
N LEU B 376 34.13 11.12 0.99
CA LEU B 376 34.37 12.38 1.67
C LEU B 376 33.28 13.38 1.34
N MET B 377 32.71 13.30 0.14
CA MET B 377 31.58 14.16 -0.19
C MET B 377 30.38 13.82 0.67
N LYS B 378 30.04 12.53 0.75
CA LYS B 378 28.94 12.08 1.60
C LYS B 378 29.14 12.51 3.04
N ALA B 379 30.32 12.19 3.61
CA ALA B 379 30.51 12.28 5.05
C ALA B 379 30.79 13.69 5.54
N ASP B 380 31.39 14.55 4.72
CA ASP B 380 31.82 15.87 5.17
C ASP B 380 31.22 17.01 4.36
N LEU B 381 31.25 16.93 3.03
CA LEU B 381 30.68 18.01 2.23
C LEU B 381 29.16 18.08 2.38
N MET B 382 28.46 16.97 2.11
CA MET B 382 26.99 16.97 2.11
C MET B 382 26.36 17.57 3.37
N PRO B 383 26.79 17.25 4.60
CA PRO B 383 26.13 17.87 5.75
C PRO B 383 26.34 19.36 5.82
N PHE B 384 27.53 19.84 5.46
CA PHE B 384 27.72 21.28 5.35
C PHE B 384 26.79 21.89 4.31
N LEU B 385 26.66 21.23 3.16
CA LEU B 385 25.79 21.73 2.11
C LEU B 385 24.33 21.72 2.55
N TYR B 386 23.96 20.77 3.39
CA TYR B 386 22.57 20.62 3.81
C TYR B 386 22.16 21.76 4.73
N TRP B 387 22.94 21.96 5.81
CA TRP B 387 22.58 22.98 6.79
C TRP B 387 22.65 24.37 6.19
N ASN B 388 23.67 24.64 5.39
CA ASN B 388 23.97 26.02 5.04
C ASN B 388 23.54 26.41 3.63
N MET B 389 23.07 25.45 2.82
CA MET B 389 22.63 25.79 1.48
C MET B 389 21.24 25.25 1.17
N MET B 390 21.04 23.93 1.32
CA MET B 390 19.73 23.37 0.97
C MET B 390 18.64 23.89 1.89
N LEU B 391 18.86 23.81 3.21
CA LEU B 391 17.87 24.29 4.17
C LEU B 391 17.66 25.80 4.08
N ARG B 392 18.54 26.53 3.41
CA ARG B 392 18.36 27.95 3.18
C ARG B 392 17.82 28.26 1.79
N GLY B 393 17.44 27.23 1.03
CA GLY B 393 16.78 27.43 -0.25
C GLY B 393 17.68 27.66 -1.43
N TYR B 394 18.98 27.31 -1.34
CA TYR B 394 19.94 27.57 -2.42
C TYR B 394 20.52 26.30 -3.02
N TRP B 395 19.86 25.15 -2.85
CA TRP B 395 20.30 23.88 -3.43
C TRP B 395 19.09 23.19 -4.05
N GLY B 396 19.08 23.10 -5.39
CA GLY B 396 18.05 22.40 -6.11
C GLY B 396 18.57 21.14 -6.80
N GLY B 397 19.62 20.55 -6.26
CA GLY B 397 20.23 19.38 -6.86
C GLY B 397 21.31 19.73 -7.87
N PRO B 398 22.03 18.71 -8.35
CA PRO B 398 23.25 18.97 -9.11
C PRO B 398 23.11 18.97 -10.63
N ALA B 399 21.91 19.13 -11.16
CA ALA B 399 21.75 19.12 -12.62
C ALA B 399 22.62 20.15 -13.31
N PHE B 400 22.81 21.33 -12.72
CA PHE B 400 23.67 22.34 -13.35
C PHE B 400 25.14 21.92 -13.35
N LEU B 401 25.63 21.37 -12.22
CA LEU B 401 26.96 20.77 -12.18
C LEU B 401 27.12 19.65 -13.21
N ARG B 402 26.13 18.76 -13.31
CA ARG B 402 26.21 17.67 -14.29
C ARG B 402 26.47 18.21 -15.69
N LYS B 403 25.78 19.29 -16.07
CA LYS B 403 25.97 19.86 -17.40
C LYS B 403 27.33 20.52 -17.52
N LEU B 404 27.77 21.26 -16.49
CA LEU B 404 29.11 21.82 -16.47
C LEU B 404 30.16 20.77 -16.82
N PHE B 405 30.22 19.69 -16.02
CA PHE B 405 31.15 18.58 -16.25
C PHE B 405 30.87 17.83 -17.55
N HIS B 406 29.89 18.25 -18.36
CA HIS B 406 29.57 17.58 -19.61
C HIS B 406 29.43 18.62 -20.73
PA FAD C . -18.15 -7.39 2.34
O1A FAD C . -19.05 -8.52 1.98
O2A FAD C . -17.96 -6.37 1.24
O5B FAD C . -18.70 -6.78 3.69
C5B FAD C . -17.95 -5.82 4.45
C4B FAD C . -18.94 -5.12 5.35
O4B FAD C . -18.25 -4.22 6.25
C3B FAD C . -19.98 -4.27 4.61
O3B FAD C . -21.29 -4.71 4.93
C2B FAD C . -19.72 -2.83 5.10
O2B FAD C . -20.96 -2.17 5.29
C1B FAD C . -19.08 -3.09 6.45
N9A FAD C . -18.27 -2.00 6.97
C8A FAD C . -17.34 -1.24 6.30
N7A FAD C . -16.76 -0.32 7.06
C5A FAD C . -17.34 -0.50 8.30
C6A FAD C . -17.15 0.15 9.55
N6A FAD C . -16.31 1.16 9.74
N1A FAD C . -17.89 -0.29 10.60
C2A FAD C . -18.74 -1.30 10.41
N3A FAD C . -19.00 -1.98 9.29
C4A FAD C . -18.27 -1.52 8.27
N1 FAD C . -16.37 -13.00 -5.13
C2 FAD C . -16.40 -14.29 -5.56
O2 FAD C . -16.04 -15.22 -4.83
N3 FAD C . -16.87 -14.58 -6.83
C4 FAD C . -17.32 -13.66 -7.75
O4 FAD C . -17.71 -14.04 -8.86
C4X FAD C . -17.27 -12.29 -7.29
N5 FAD C . -17.68 -11.35 -8.11
C5X FAD C . -17.65 -10.03 -7.65
C6 FAD C . -18.08 -9.00 -8.49
C7 FAD C . -18.06 -7.68 -8.07
C7M FAD C . -18.54 -6.59 -9.02
C8 FAD C . -17.62 -7.37 -6.77
C8M FAD C . -17.60 -5.95 -6.27
C9 FAD C . -17.20 -8.39 -5.93
C9A FAD C . -17.20 -9.71 -6.36
N10 FAD C . -16.79 -10.76 -5.51
C10 FAD C . -16.79 -12.06 -5.96
C1' FAD C . -16.18 -10.46 -4.21
C2' FAD C . -17.10 -10.58 -2.99
O2' FAD C . -18.19 -9.68 -3.11
C3' FAD C . -16.30 -10.14 -1.76
O3' FAD C . -14.97 -10.66 -1.82
C4' FAD C . -16.91 -10.52 -0.43
O4' FAD C . -18.13 -9.81 -0.26
C5' FAD C . -15.93 -10.21 0.68
O5' FAD C . -16.62 -10.29 1.94
P FAD C . -16.20 -9.39 3.17
O1P FAD C . -17.05 -9.88 4.33
O2P FAD C . -14.73 -9.37 3.34
O3P FAD C . -16.70 -7.93 2.71
C CYN D . -11.47 -13.71 -9.36
N CYN D . -12.42 -13.10 -8.98
C1 UQ1 E . -17.79 -20.53 -3.49
O1 UQ1 E . -17.75 -21.30 -2.57
C2 UQ1 E . -18.38 -19.13 -3.27
O2 UQ1 E . -18.89 -18.74 -2.04
CM2 UQ1 E . -20.30 -18.86 -1.99
C3 UQ1 E . -18.43 -18.13 -4.40
O3 UQ1 E . -18.98 -16.87 -4.16
CM3 UQ1 E . -20.23 -16.67 -4.75
C4 UQ1 E . -17.90 -18.50 -5.79
O4 UQ1 E . -17.93 -17.71 -6.68
C5 UQ1 E . -17.31 -19.90 -6.00
CM5 UQ1 E . -16.78 -20.29 -7.38
C6 UQ1 E . -17.24 -20.92 -4.87
C7 UQ1 E . -16.66 -22.31 -5.12
C8 UQ1 E . -17.80 -23.31 -5.31
C9 UQ1 E . -17.73 -24.34 -6.14
C10 UQ1 E . -18.91 -25.31 -6.27
C11 UQ1 E . -16.48 -24.57 -6.97
C1 UQ1 F . -2.59 -9.28 -27.53
O1 UQ1 F . -2.29 -10.41 -27.48
C2 UQ1 F . -2.23 -8.46 -26.32
O2 UQ1 F . -1.60 -9.03 -25.20
CM2 UQ1 F . -2.47 -9.29 -24.16
C3 UQ1 F . -2.55 -7.00 -26.31
O3 UQ1 F . -2.17 -6.34 -25.17
CM3 UQ1 F . -0.80 -6.06 -25.16
C4 UQ1 F . -3.24 -6.34 -27.50
O4 UQ1 F . -3.48 -5.17 -27.43
C5 UQ1 F . -3.61 -7.16 -28.73
CM5 UQ1 F . -4.30 -6.48 -29.92
C6 UQ1 F . -3.27 -8.66 -28.74
C7 UQ1 F . -3.52 -9.58 -29.94
C8 UQ1 F . -2.06 -10.08 -30.16
C9 UQ1 F . -1.43 -10.82 -31.07
C10 UQ1 F . 0.06 -11.11 -30.85
C11 UQ1 F . -2.12 -11.39 -32.31
PA FAD G . 11.59 14.40 6.91
O1A FAD G . 11.61 13.16 7.72
O2A FAD G . 12.93 15.11 6.67
O5B FAD G . 10.61 15.39 7.59
C5B FAD G . 9.26 15.02 7.91
C4B FAD G . 8.82 15.90 9.04
O4B FAD G . 7.38 15.81 9.22
C3B FAD G . 9.44 15.58 10.40
O3B FAD G . 10.13 16.72 10.90
C2B FAD G . 8.25 15.19 11.29
O2B FAD G . 8.40 15.67 12.61
C1B FAD G . 7.10 15.94 10.59
N9A FAD G . 5.76 15.40 10.83
C8A FAD G . 5.39 14.09 10.73
N7A FAD G . 4.12 13.88 10.99
C5A FAD G . 3.62 15.14 11.27
C6A FAD G . 2.33 15.61 11.61
N6A FAD G . 1.26 14.81 11.74
N1A FAD G . 2.18 16.93 11.83
C2A FAD G . 3.24 17.74 11.69
N3A FAD G . 4.49 17.41 11.37
C4A FAD G . 4.63 16.10 11.17
N1 FAD G . 18.69 10.64 1.77
C2 FAD G . 19.67 10.95 0.86
O2 FAD G . 19.43 11.66 -0.12
N3 FAD G . 20.95 10.44 1.02
C4 FAD G . 21.37 9.60 2.05
O4 FAD G . 22.53 9.22 2.10
C4X FAD G . 20.32 9.29 3.01
N5 FAD G . 20.64 8.50 4.02
C5X FAD G . 19.63 8.21 4.95
C6 FAD G . 19.95 7.40 6.04
C7 FAD G . 18.99 7.08 6.99
C7M FAD G . 19.35 6.18 8.15
C8 FAD G . 17.69 7.60 6.86
C8M FAD G . 16.63 7.28 7.89
C9 FAD G . 17.38 8.42 5.79
C9A FAD G . 18.34 8.73 4.83
N10 FAD G . 18.05 9.56 3.74
C10 FAD G . 19.01 9.86 2.80
C1' FAD G . 16.68 10.04 3.52
C2' FAD G . 16.39 11.44 3.99
O2' FAD G . 16.57 11.54 5.41
C3' FAD G . 14.92 11.73 3.69
O3' FAD G . 14.59 11.25 2.40
C4' FAD G . 14.52 13.19 3.82
O4' FAD G . 14.63 13.50 5.20
C5' FAD G . 13.11 13.36 3.31
O5' FAD G . 12.60 14.65 3.71
P FAD G . 11.09 14.86 4.11
O1P FAD G . 10.96 16.36 4.38
O2P FAD G . 10.15 14.24 3.08
O3P FAD G . 10.95 14.09 5.50
C CYN H . 19.47 5.41 -2.01
N CYN H . 19.49 6.07 -1.00
C1 UQ1 I . 22.27 16.03 -2.81
O1 UQ1 I . 22.05 17.03 -3.43
C2 UQ1 I . 21.67 15.88 -1.42
O2 UQ1 I . 20.87 16.90 -0.89
CM2 UQ1 I . 21.55 17.81 -0.05
C3 UQ1 I . 21.92 14.61 -0.61
O3 UQ1 I . 21.37 14.49 0.65
CM3 UQ1 I . 22.24 14.88 1.65
C4 UQ1 I . 22.78 13.48 -1.15
O4 UQ1 I . 22.94 12.50 -0.47
C5 UQ1 I . 23.40 13.63 -2.56
CM5 UQ1 I . 24.27 12.51 -3.12
C6 UQ1 I . 23.14 14.91 -3.40
C7 UQ1 I . 23.76 15.05 -4.79
C8 UQ1 I . 24.90 16.08 -4.76
C9 UQ1 I . 25.95 15.97 -5.55
C10 UQ1 I . 27.07 17.02 -5.50
C11 UQ1 I . 26.05 14.79 -6.52
#